data_9IV7
#
_entry.id   9IV7
#
_cell.length_a   133.931
_cell.length_b   58.039
_cell.length_c   188.768
_cell.angle_alpha   90.00
_cell.angle_beta   105.48
_cell.angle_gamma   90.00
#
_symmetry.space_group_name_H-M   'I 1 2 1'
#
loop_
_entity.id
_entity.type
_entity.pdbx_description
1 polymer 'Slr1911 protein'
2 polymer 'Carboxysome shell protein CcmK1'
3 polymer 'Carboxysome shell protein CcmK2'
4 non-polymer 'D(-)-TARTARIC ACID'
5 water water
#
loop_
_entity_poly.entity_id
_entity_poly.type
_entity_poly.pdbx_seq_one_letter_code
_entity_poly.pdbx_strand_id
1 'polypeptide(L)'
;MFSPDPILPDDGQHPWRYRLDQFTKEEQTALGALAWAFYQQWPAKEQYLGLDLHPQAHFISCAPQAIAQLNDQVNGRIQE
MVGILYGYDPRTEVAIFVIGPTQFKLLFFQPIPDPASCFAALGLTIEELKHRLEKTLQEKLA
;
A,G
2 'polypeptide(L)'
;MSIAVGMIETLGFPAVVEAADSMVKAARVTLVGYEKIGSGRVTVIVRGDVSEVQASVTAGIENIRRVNGGEVLSNHIIAR
PHENLEYVLPIRYTEAVEQFREIVNPSIIRR
;
B,C,F,H
3 'polypeptide(L)'
;MSIAVGMIETRGFPAVVEAADSMVKAARVTLVGYEKIGSGRVTVIVRGDVSEVQASVSAGIEAANRVNGGEVLSTHIIAR
PHENLEYVLPIRYTEEVEQFRTY
;
D,E
#
loop_
_chem_comp.id
_chem_comp.type
_chem_comp.name
_chem_comp.formula
TAR non-polymer 'D(-)-TARTARIC ACID' 'C4 H6 O6'
#
# COMPACT_ATOMS: atom_id res chain seq x y z
N PRO A 15 -17.64 -28.95 -8.57
CA PRO A 15 -18.94 -29.42 -9.04
C PRO A 15 -18.85 -30.14 -10.38
N TRP A 16 -19.86 -29.96 -11.23
CA TRP A 16 -19.81 -30.51 -12.58
C TRP A 16 -18.70 -29.88 -13.41
N ARG A 17 -18.29 -28.66 -13.07
CA ARG A 17 -17.20 -28.01 -13.81
C ARG A 17 -15.89 -28.76 -13.63
N TYR A 18 -15.61 -29.21 -12.41
CA TYR A 18 -14.38 -29.96 -12.16
C TYR A 18 -14.43 -31.32 -12.83
N ARG A 19 -15.61 -31.92 -12.97
CA ARG A 19 -15.72 -33.20 -13.65
C ARG A 19 -15.35 -33.09 -15.12
N LEU A 20 -15.77 -31.99 -15.77
CA LEU A 20 -15.43 -31.80 -17.18
C LEU A 20 -13.93 -31.62 -17.36
N ASP A 21 -13.26 -30.95 -16.41
CA ASP A 21 -11.82 -30.77 -16.50
C ASP A 21 -11.09 -32.11 -16.42
N GLN A 22 -11.49 -32.96 -15.47
CA GLN A 22 -10.90 -34.28 -15.37
C GLN A 22 -11.29 -35.16 -16.56
N PHE A 23 -12.52 -35.00 -17.04
CA PHE A 23 -12.95 -35.73 -18.24
C PHE A 23 -12.10 -35.36 -19.44
N THR A 24 -11.84 -34.06 -19.62
CA THR A 24 -10.99 -33.61 -20.72
C THR A 24 -9.57 -34.13 -20.58
N LYS A 25 -9.09 -34.28 -19.35
CA LYS A 25 -7.74 -34.79 -19.13
C LYS A 25 -7.67 -36.30 -19.36
N GLU A 26 -8.66 -37.03 -18.87
CA GLU A 26 -8.61 -38.50 -18.96
C GLU A 26 -8.90 -38.99 -20.37
N GLU A 27 -9.85 -38.36 -21.07
CA GLU A 27 -10.30 -38.83 -22.38
C GLU A 27 -9.79 -37.96 -23.52
N GLN A 28 -8.58 -37.40 -23.38
CA GLN A 28 -8.05 -36.52 -24.41
C GLN A 28 -7.83 -37.26 -25.73
N THR A 29 -7.53 -38.56 -25.69
CA THR A 29 -7.36 -39.32 -26.93
C THR A 29 -8.71 -39.57 -27.59
N ALA A 30 -9.70 -40.03 -26.83
CA ALA A 30 -11.03 -40.25 -27.38
C ALA A 30 -11.65 -38.96 -27.85
N LEU A 31 -11.48 -37.87 -27.09
CA LEU A 31 -12.02 -36.58 -27.51
C LEU A 31 -11.32 -36.06 -28.77
N GLY A 32 -9.99 -36.23 -28.83
CA GLY A 32 -9.28 -35.85 -30.04
C GLY A 32 -9.73 -36.64 -31.25
N ALA A 33 -10.07 -37.91 -31.04
CA ALA A 33 -10.56 -38.74 -32.14
C ALA A 33 -11.95 -38.29 -32.59
N LEU A 34 -12.86 -38.10 -31.64
CA LEU A 34 -14.20 -37.60 -31.96
C LEU A 34 -14.14 -36.24 -32.63
N ALA A 35 -13.23 -35.37 -32.18
CA ALA A 35 -13.09 -34.06 -32.79
C ALA A 35 -12.62 -34.17 -34.23
N TRP A 36 -11.64 -35.04 -34.49
CA TRP A 36 -11.17 -35.22 -35.86
C TRP A 36 -12.25 -35.78 -36.75
N ALA A 37 -12.95 -36.82 -36.27
CA ALA A 37 -14.04 -37.41 -37.05
C ALA A 37 -15.12 -36.37 -37.35
N PHE A 38 -15.52 -35.60 -36.34
CA PHE A 38 -16.50 -34.54 -36.55
C PHE A 38 -15.98 -33.52 -37.56
N TYR A 39 -14.69 -33.19 -37.49
CA TYR A 39 -14.11 -32.22 -38.40
C TYR A 39 -14.07 -32.74 -39.83
N GLN A 40 -13.91 -34.06 -40.02
CA GLN A 40 -13.89 -34.60 -41.38
C GLN A 40 -15.21 -34.37 -42.09
N GLN A 41 -16.32 -34.43 -41.35
CA GLN A 41 -17.62 -34.21 -41.97
C GLN A 41 -17.83 -32.76 -42.36
N TRP A 42 -17.18 -31.82 -41.66
CA TRP A 42 -17.26 -30.40 -41.96
C TRP A 42 -15.85 -29.86 -42.16
N PRO A 43 -15.25 -30.12 -43.32
CA PRO A 43 -13.85 -29.72 -43.52
C PRO A 43 -13.60 -28.22 -43.46
N ALA A 44 -14.64 -27.40 -43.56
CA ALA A 44 -14.49 -25.95 -43.48
C ALA A 44 -15.13 -25.37 -42.23
N LYS A 45 -15.36 -26.20 -41.21
CA LYS A 45 -15.91 -25.75 -39.93
C LYS A 45 -17.30 -25.12 -40.09
N GLU A 46 -18.11 -25.71 -40.97
CA GLU A 46 -19.49 -25.28 -41.12
C GLU A 46 -20.34 -25.63 -39.91
N GLN A 47 -19.85 -26.49 -39.02
CA GLN A 47 -20.55 -26.85 -37.80
C GLN A 47 -19.52 -26.90 -36.67
N TYR A 48 -19.93 -26.48 -35.48
CA TYR A 48 -19.11 -26.56 -34.29
C TYR A 48 -19.56 -27.73 -33.43
N LEU A 49 -18.60 -28.47 -32.88
CA LEU A 49 -18.92 -29.57 -32.00
C LEU A 49 -19.19 -29.03 -30.60
N GLY A 50 -20.27 -29.51 -29.98
CA GLY A 50 -20.69 -29.00 -28.69
C GLY A 50 -21.19 -30.12 -27.81
N LEU A 51 -21.60 -29.73 -26.60
CA LEU A 51 -22.02 -30.69 -25.59
C LEU A 51 -23.12 -30.05 -24.76
N ASP A 52 -24.21 -30.79 -24.55
CA ASP A 52 -25.34 -30.31 -23.75
C ASP A 52 -25.51 -31.28 -22.58
N LEU A 53 -25.47 -30.74 -21.36
CA LEU A 53 -25.47 -31.56 -20.16
C LEU A 53 -26.88 -31.91 -19.67
N HIS A 54 -27.92 -31.24 -20.15
CA HIS A 54 -29.27 -31.53 -19.70
C HIS A 54 -30.10 -32.08 -20.85
N PRO A 55 -30.93 -33.11 -20.61
CA PRO A 55 -31.13 -33.84 -19.35
C PRO A 55 -29.93 -34.70 -19.00
N GLN A 56 -29.33 -35.33 -20.01
CA GLN A 56 -28.09 -36.05 -19.86
C GLN A 56 -27.06 -35.45 -20.80
N ALA A 57 -25.78 -35.66 -20.46
CA ALA A 57 -24.71 -35.18 -21.32
C ALA A 57 -24.76 -35.88 -22.67
N HIS A 58 -24.89 -35.08 -23.74
CA HIS A 58 -24.87 -35.61 -25.09
C HIS A 58 -24.27 -34.57 -26.00
N PHE A 59 -23.62 -35.03 -27.07
CA PHE A 59 -22.98 -34.13 -28.02
C PHE A 59 -24.01 -33.55 -28.99
N ILE A 60 -23.82 -32.29 -29.34
CA ILE A 60 -24.70 -31.60 -30.27
C ILE A 60 -23.84 -30.84 -31.28
N SER A 61 -24.48 -30.06 -32.15
CA SER A 61 -23.75 -29.26 -33.12
C SER A 61 -24.61 -28.07 -33.55
N CYS A 62 -23.95 -27.04 -34.05
CA CYS A 62 -24.64 -25.84 -34.52
C CYS A 62 -23.74 -25.12 -35.51
N ALA A 63 -24.35 -24.18 -36.26
CA ALA A 63 -23.65 -23.46 -37.31
C ALA A 63 -22.87 -22.31 -36.70
N PRO A 64 -21.87 -21.78 -37.40
CA PRO A 64 -21.18 -20.59 -36.91
C PRO A 64 -22.03 -19.34 -36.97
N GLN A 65 -23.30 -19.47 -37.32
CA GLN A 65 -24.22 -18.35 -37.26
C GLN A 65 -25.05 -18.37 -35.97
N ALA A 66 -25.29 -19.55 -35.41
CA ALA A 66 -26.18 -19.67 -34.25
C ALA A 66 -25.52 -19.17 -32.97
N ILE A 67 -24.23 -19.52 -32.76
CA ILE A 67 -23.50 -19.10 -31.55
C ILE A 67 -23.16 -17.60 -31.62
N ALA A 68 -22.92 -17.05 -32.82
CA ALA A 68 -22.69 -15.62 -32.92
C ALA A 68 -23.98 -14.83 -32.73
N GLN A 69 -25.10 -15.36 -33.22
CA GLN A 69 -26.40 -14.76 -32.91
C GLN A 69 -26.64 -14.75 -31.41
N LEU A 70 -26.38 -15.87 -30.75
CA LEU A 70 -26.51 -15.93 -29.30
C LEU A 70 -25.61 -14.92 -28.63
N ASN A 71 -24.42 -14.69 -29.19
CA ASN A 71 -23.52 -13.68 -28.64
C ASN A 71 -24.16 -12.29 -28.67
N ASP A 72 -24.93 -12.00 -29.72
CA ASP A 72 -25.63 -10.72 -29.77
C ASP A 72 -26.73 -10.66 -28.72
N GLN A 73 -27.47 -11.76 -28.54
CA GLN A 73 -28.54 -11.79 -27.56
C GLN A 73 -28.01 -11.59 -26.13
N VAL A 74 -26.78 -12.02 -25.87
CA VAL A 74 -26.21 -11.89 -24.53
C VAL A 74 -25.29 -10.67 -24.49
N ASN A 75 -25.39 -9.81 -25.50
CA ASN A 75 -24.67 -8.55 -25.54
C ASN A 75 -23.16 -8.77 -25.52
N GLY A 76 -22.70 -9.72 -26.33
CA GLY A 76 -21.27 -9.95 -26.48
C GLY A 76 -20.58 -10.52 -25.26
N ARG A 77 -21.29 -11.31 -24.45
CA ARG A 77 -20.70 -11.89 -23.25
C ARG A 77 -20.03 -13.23 -23.49
N ILE A 78 -20.30 -13.89 -24.62
CA ILE A 78 -19.55 -15.08 -25.02
C ILE A 78 -18.70 -14.70 -26.22
N GLN A 79 -18.27 -13.44 -26.26
CA GLN A 79 -17.52 -12.92 -27.39
C GLN A 79 -16.23 -13.72 -27.62
N GLU A 80 -15.51 -14.02 -26.55
CA GLU A 80 -14.22 -14.70 -26.70
C GLU A 80 -14.41 -16.14 -27.19
N MET A 81 -15.47 -16.81 -26.73
CA MET A 81 -15.69 -18.19 -27.12
C MET A 81 -15.93 -18.31 -28.62
N VAL A 82 -16.71 -17.39 -29.19
CA VAL A 82 -16.96 -17.46 -30.63
C VAL A 82 -15.70 -17.11 -31.41
N GLY A 83 -14.79 -16.32 -30.82
CA GLY A 83 -13.53 -16.06 -31.48
C GLY A 83 -12.59 -17.26 -31.43
N ILE A 84 -12.64 -18.03 -30.34
CA ILE A 84 -11.83 -19.24 -30.24
C ILE A 84 -12.40 -20.33 -31.15
N LEU A 85 -13.73 -20.44 -31.21
CA LEU A 85 -14.35 -21.40 -32.12
C LEU A 85 -14.04 -21.04 -33.57
N TYR A 86 -13.86 -19.76 -33.87
CA TYR A 86 -13.54 -19.36 -35.23
C TYR A 86 -12.07 -19.61 -35.58
N GLY A 87 -11.18 -19.53 -34.59
CA GLY A 87 -9.76 -19.52 -34.87
C GLY A 87 -9.01 -20.83 -34.68
N TYR A 88 -9.58 -21.78 -33.94
CA TYR A 88 -8.85 -22.98 -33.57
C TYR A 88 -8.55 -23.84 -34.80
N ASP A 89 -7.36 -24.44 -34.81
CA ASP A 89 -6.95 -25.34 -35.88
C ASP A 89 -7.45 -26.74 -35.55
N PRO A 90 -8.38 -27.31 -36.32
CA PRO A 90 -8.85 -28.67 -36.01
C PRO A 90 -7.78 -29.74 -36.21
N ARG A 91 -6.75 -29.46 -37.00
CA ARG A 91 -5.67 -30.42 -37.18
C ARG A 91 -4.82 -30.58 -35.92
N THR A 92 -4.84 -29.61 -35.01
CA THR A 92 -4.07 -29.70 -33.77
C THR A 92 -4.87 -29.40 -32.51
N GLU A 93 -6.02 -28.75 -32.60
CA GLU A 93 -6.76 -28.31 -31.41
C GLU A 93 -8.14 -28.92 -31.39
N VAL A 94 -8.62 -29.20 -30.17
CA VAL A 94 -9.98 -29.61 -29.91
C VAL A 94 -10.70 -28.45 -29.21
N ALA A 95 -11.85 -28.05 -29.74
CA ALA A 95 -12.63 -26.95 -29.19
C ALA A 95 -14.10 -27.36 -29.17
N ILE A 96 -14.62 -27.69 -27.99
CA ILE A 96 -15.99 -28.14 -27.82
C ILE A 96 -16.66 -27.24 -26.79
N PHE A 97 -17.70 -26.52 -27.20
CA PHE A 97 -18.46 -25.69 -26.26
C PHE A 97 -19.46 -26.55 -25.50
N VAL A 98 -19.66 -26.23 -24.23
CA VAL A 98 -20.58 -26.96 -23.36
C VAL A 98 -21.68 -26.01 -22.91
N ILE A 99 -22.93 -26.42 -23.08
CA ILE A 99 -24.08 -25.64 -22.66
C ILE A 99 -24.45 -26.08 -21.24
N GLY A 100 -24.26 -25.20 -20.27
CA GLY A 100 -24.62 -25.48 -18.90
C GLY A 100 -25.96 -24.88 -18.54
N PRO A 101 -26.20 -24.69 -17.23
CA PRO A 101 -27.45 -24.05 -16.79
C PRO A 101 -27.65 -22.70 -17.45
N THR A 102 -26.90 -21.69 -17.02
CA THR A 102 -26.82 -20.40 -17.68
C THR A 102 -25.37 -20.02 -17.86
N GLN A 103 -24.56 -20.97 -18.32
CA GLN A 103 -23.13 -20.78 -18.45
C GLN A 103 -22.63 -21.58 -19.64
N PHE A 104 -21.49 -21.14 -20.17
CA PHE A 104 -20.89 -21.75 -21.36
C PHE A 104 -19.41 -22.03 -21.12
N LYS A 105 -19.03 -23.29 -21.21
CA LYS A 105 -17.66 -23.73 -20.97
C LYS A 105 -17.07 -24.40 -22.21
N LEU A 106 -15.82 -24.04 -22.51
CA LEU A 106 -15.08 -24.63 -23.61
C LEU A 106 -14.28 -25.84 -23.14
N LEU A 107 -14.30 -26.89 -23.94
CA LEU A 107 -13.33 -27.98 -23.83
C LEU A 107 -12.26 -27.66 -24.87
N PHE A 108 -11.17 -27.04 -24.42
CA PHE A 108 -10.18 -26.43 -25.31
C PHE A 108 -8.81 -26.95 -24.92
N PHE A 109 -8.21 -27.77 -25.78
CA PHE A 109 -6.92 -28.37 -25.46
C PHE A 109 -6.25 -28.83 -26.75
N GLN A 110 -4.93 -29.01 -26.68
CA GLN A 110 -4.12 -29.49 -27.79
C GLN A 110 -3.62 -30.89 -27.48
N PRO A 111 -4.27 -31.93 -28.00
CA PRO A 111 -3.95 -33.29 -27.55
C PRO A 111 -2.60 -33.77 -28.06
N ILE A 112 -2.11 -34.83 -27.43
CA ILE A 112 -0.90 -35.52 -27.87
C ILE A 112 -1.25 -37.00 -28.01
N PRO A 113 -1.24 -37.56 -29.23
CA PRO A 113 -0.91 -36.93 -30.52
C PRO A 113 -2.04 -36.06 -31.08
N ASP A 114 -1.86 -35.55 -32.29
CA ASP A 114 -2.85 -34.68 -32.92
C ASP A 114 -4.17 -35.44 -33.15
N PRO A 115 -5.27 -34.71 -33.39
CA PRO A 115 -6.57 -35.37 -33.55
C PRO A 115 -6.61 -36.50 -34.57
N ALA A 116 -6.02 -36.31 -35.75
CA ALA A 116 -6.06 -37.38 -36.76
C ALA A 116 -5.33 -38.62 -36.29
N SER A 117 -4.19 -38.44 -35.59
CA SER A 117 -3.49 -39.60 -35.04
C SER A 117 -4.31 -40.28 -33.95
N CYS A 118 -5.05 -39.51 -33.16
CA CYS A 118 -5.93 -40.10 -32.17
C CYS A 118 -7.01 -40.96 -32.82
N PHE A 119 -7.60 -40.46 -33.92
CA PHE A 119 -8.66 -41.21 -34.58
C PHE A 119 -8.13 -42.50 -35.19
N ALA A 120 -6.94 -42.46 -35.79
CA ALA A 120 -6.36 -43.67 -36.37
C ALA A 120 -5.93 -44.64 -35.28
N ALA A 121 -5.41 -44.13 -34.17
CA ALA A 121 -4.93 -45.01 -33.11
C ALA A 121 -6.07 -45.82 -32.50
N LEU A 122 -7.23 -45.21 -32.30
CA LEU A 122 -8.33 -45.90 -31.64
C LEU A 122 -9.10 -46.82 -32.58
N GLY A 123 -9.11 -46.50 -33.88
CA GLY A 123 -9.83 -47.32 -34.84
C GLY A 123 -11.33 -47.37 -34.63
N LEU A 124 -11.89 -46.36 -33.98
CA LEU A 124 -13.32 -46.32 -33.67
C LEU A 124 -14.06 -45.45 -34.68
N THR A 125 -15.35 -45.74 -34.83
CA THR A 125 -16.21 -44.91 -35.66
C THR A 125 -16.71 -43.71 -34.86
N ILE A 126 -17.19 -42.69 -35.59
CA ILE A 126 -17.70 -41.49 -34.94
C ILE A 126 -18.90 -41.83 -34.06
N GLU A 127 -19.72 -42.82 -34.47
CA GLU A 127 -20.83 -43.25 -33.62
C GLU A 127 -20.32 -43.94 -32.37
N GLU A 128 -19.32 -44.80 -32.51
CA GLU A 128 -18.72 -45.45 -31.34
C GLU A 128 -18.04 -44.43 -30.44
N LEU A 129 -17.35 -43.45 -31.03
CA LEU A 129 -16.74 -42.39 -30.23
C LEU A 129 -17.81 -41.58 -29.50
N LYS A 130 -18.86 -41.17 -30.22
CA LYS A 130 -19.91 -40.38 -29.60
C LYS A 130 -20.62 -41.16 -28.50
N HIS A 131 -20.91 -42.44 -28.73
CA HIS A 131 -21.63 -43.23 -27.75
C HIS A 131 -20.81 -43.41 -26.46
N ARG A 132 -19.58 -43.91 -26.60
CA ARG A 132 -18.78 -44.23 -25.41
C ARG A 132 -18.41 -42.97 -24.63
N LEU A 133 -18.06 -41.89 -25.32
CA LEU A 133 -17.81 -40.63 -24.62
C LEU A 133 -19.07 -40.14 -23.93
N GLU A 134 -20.23 -40.31 -24.56
CA GLU A 134 -21.49 -39.95 -23.92
C GLU A 134 -21.85 -40.88 -22.77
N LYS A 135 -21.20 -42.03 -22.63
CA LYS A 135 -21.46 -42.89 -21.49
C LYS A 135 -20.53 -42.63 -20.32
N THR A 136 -19.30 -42.19 -20.59
CA THR A 136 -18.32 -41.98 -19.52
C THR A 136 -18.64 -40.72 -18.72
N LEU A 137 -18.95 -39.63 -19.40
CA LEU A 137 -19.22 -38.36 -18.70
C LEU A 137 -20.50 -38.47 -17.87
N GLN A 138 -21.52 -39.15 -18.39
CA GLN A 138 -22.77 -39.31 -17.65
C GLN A 138 -22.53 -40.04 -16.33
N GLU A 139 -21.80 -41.16 -16.38
CA GLU A 139 -21.44 -41.85 -15.14
C GLU A 139 -20.52 -40.99 -14.28
N LYS A 140 -19.74 -40.11 -14.91
CA LYS A 140 -18.85 -39.22 -14.17
C LYS A 140 -19.63 -38.08 -13.52
N LEU A 141 -20.67 -37.58 -14.20
CA LEU A 141 -21.51 -36.55 -13.60
C LEU A 141 -22.46 -37.12 -12.54
N ALA A 142 -22.93 -38.35 -12.74
CA ALA A 142 -23.80 -39.00 -11.76
C ALA A 142 -23.00 -39.91 -10.84
N SER B 2 -5.92 -21.57 -30.40
CA SER B 2 -4.75 -20.98 -29.78
C SER B 2 -5.07 -19.60 -29.19
N ILE B 3 -4.84 -19.44 -27.88
CA ILE B 3 -5.17 -18.20 -27.20
C ILE B 3 -3.90 -17.48 -26.79
N ALA B 4 -4.04 -16.19 -26.49
CA ALA B 4 -2.94 -15.36 -26.08
C ALA B 4 -3.45 -14.28 -25.12
N VAL B 5 -2.54 -13.43 -24.66
CA VAL B 5 -2.87 -12.34 -23.76
C VAL B 5 -2.30 -11.06 -24.36
N GLY B 6 -3.09 -10.00 -24.35
CA GLY B 6 -2.67 -8.71 -24.86
C GLY B 6 -2.71 -7.68 -23.74
N MET B 7 -1.68 -6.84 -23.68
CA MET B 7 -1.49 -5.90 -22.59
C MET B 7 -1.16 -4.52 -23.13
N ILE B 8 -1.74 -3.50 -22.51
CA ILE B 8 -1.43 -2.11 -22.80
C ILE B 8 -1.19 -1.39 -21.47
N GLU B 9 -0.02 -0.78 -21.34
CA GLU B 9 0.33 -0.01 -20.14
C GLU B 9 0.32 1.47 -20.49
N THR B 10 -0.42 2.26 -19.73
CA THR B 10 -0.51 3.69 -19.94
C THR B 10 -0.01 4.43 -18.70
N LEU B 11 0.40 5.67 -18.92
CA LEU B 11 0.71 6.61 -17.84
C LEU B 11 -0.53 7.49 -17.67
N GLY B 12 -1.47 7.03 -16.84
CA GLY B 12 -2.72 7.74 -16.65
C GLY B 12 -3.93 6.83 -16.75
N PHE B 13 -4.89 7.02 -15.84
CA PHE B 13 -6.03 6.12 -15.73
C PHE B 13 -7.08 6.31 -16.82
N PRO B 14 -7.47 7.54 -17.18
CA PRO B 14 -8.44 7.67 -18.28
C PRO B 14 -7.99 7.00 -19.58
N ALA B 15 -6.69 7.03 -19.87
CA ALA B 15 -6.20 6.41 -21.10
C ALA B 15 -6.32 4.89 -21.03
N VAL B 16 -6.09 4.29 -19.86
CA VAL B 16 -6.18 2.84 -19.75
C VAL B 16 -7.62 2.38 -19.89
N VAL B 17 -8.58 3.23 -19.50
CA VAL B 17 -9.99 2.88 -19.67
C VAL B 17 -10.36 2.88 -21.15
N GLU B 18 -9.94 3.91 -21.88
CA GLU B 18 -10.14 3.92 -23.32
C GLU B 18 -9.42 2.76 -23.99
N ALA B 19 -8.23 2.41 -23.51
CA ALA B 19 -7.51 1.26 -24.04
C ALA B 19 -8.32 -0.02 -23.85
N ALA B 20 -8.80 -0.26 -22.63
CA ALA B 20 -9.58 -1.47 -22.37
C ALA B 20 -10.87 -1.48 -23.19
N ASP B 21 -11.53 -0.32 -23.32
CA ASP B 21 -12.79 -0.26 -24.05
C ASP B 21 -12.58 -0.55 -25.54
N SER B 22 -11.53 0.02 -26.13
CA SER B 22 -11.28 -0.22 -27.55
C SER B 22 -10.95 -1.68 -27.83
N MET B 23 -10.22 -2.34 -26.92
CA MET B 23 -9.78 -3.70 -27.16
C MET B 23 -10.96 -4.66 -27.26
N VAL B 24 -11.87 -4.60 -26.28
CA VAL B 24 -13.01 -5.51 -26.29
C VAL B 24 -14.01 -5.16 -27.38
N LYS B 25 -13.96 -3.94 -27.91
CA LYS B 25 -14.87 -3.54 -28.99
C LYS B 25 -14.32 -3.88 -30.37
N ALA B 26 -13.00 -3.97 -30.52
CA ALA B 26 -12.39 -4.16 -31.84
C ALA B 26 -12.18 -5.61 -32.21
N ALA B 27 -12.25 -6.53 -31.25
CA ALA B 27 -12.04 -7.95 -31.54
C ALA B 27 -12.71 -8.76 -30.45
N ARG B 28 -12.72 -10.07 -30.65
CA ARG B 28 -13.46 -10.99 -29.79
C ARG B 28 -12.54 -11.49 -28.66
N VAL B 29 -12.28 -10.57 -27.73
CA VAL B 29 -11.43 -10.86 -26.58
C VAL B 29 -12.21 -10.56 -25.31
N THR B 30 -11.69 -11.06 -24.20
CA THR B 30 -12.24 -10.82 -22.87
C THR B 30 -11.27 -9.98 -22.05
N LEU B 31 -11.75 -8.87 -21.50
CA LEU B 31 -10.96 -8.09 -20.57
C LEU B 31 -10.85 -8.86 -19.26
N VAL B 32 -9.64 -9.31 -18.91
CA VAL B 32 -9.46 -10.21 -17.80
C VAL B 32 -8.77 -9.57 -16.59
N GLY B 33 -8.01 -8.49 -16.79
CA GLY B 33 -7.25 -7.95 -15.68
C GLY B 33 -7.01 -6.47 -15.79
N TYR B 34 -6.76 -5.86 -14.62
CA TYR B 34 -6.38 -4.45 -14.50
C TYR B 34 -5.36 -4.36 -13.38
N GLU B 35 -4.13 -3.98 -13.71
CA GLU B 35 -3.03 -4.02 -12.76
C GLU B 35 -2.43 -2.63 -12.59
N LYS B 36 -1.94 -2.37 -11.37
CA LYS B 36 -1.32 -1.11 -11.01
C LYS B 36 0.00 -1.41 -10.32
N ILE B 37 1.10 -0.88 -10.85
CA ILE B 37 2.42 -1.04 -10.25
C ILE B 37 2.91 0.25 -9.62
N GLY B 38 2.05 1.27 -9.53
CA GLY B 38 2.44 2.55 -8.98
C GLY B 38 3.10 3.44 -10.01
N SER B 39 3.45 4.65 -9.56
CA SER B 39 4.11 5.65 -10.39
C SER B 39 3.29 6.00 -11.62
N GLY B 40 1.96 5.96 -11.50
CA GLY B 40 1.10 6.31 -12.61
C GLY B 40 1.01 5.28 -13.72
N ARG B 41 1.64 4.13 -13.56
CA ARG B 41 1.64 3.09 -14.59
C ARG B 41 0.51 2.10 -14.32
N VAL B 42 -0.41 1.97 -15.27
CA VAL B 42 -1.54 1.05 -15.17
C VAL B 42 -1.63 0.22 -16.44
N THR B 43 -2.12 -1.01 -16.30
CA THR B 43 -2.16 -1.96 -17.41
C THR B 43 -3.52 -2.64 -17.43
N VAL B 44 -4.06 -2.83 -18.63
CA VAL B 44 -5.25 -3.64 -18.85
C VAL B 44 -4.87 -4.84 -19.71
N ILE B 45 -5.47 -5.99 -19.39
CA ILE B 45 -5.09 -7.26 -20.02
C ILE B 45 -6.33 -7.89 -20.63
N VAL B 46 -6.22 -8.33 -21.88
CA VAL B 46 -7.28 -9.07 -22.56
C VAL B 46 -6.76 -10.45 -22.93
N ARG B 47 -7.71 -11.37 -23.11
CA ARG B 47 -7.40 -12.76 -23.43
C ARG B 47 -8.34 -13.24 -24.52
N GLY B 48 -7.80 -14.02 -25.46
CA GLY B 48 -8.61 -14.58 -26.51
C GLY B 48 -7.74 -15.17 -27.61
N ASP B 49 -8.39 -15.49 -28.72
CA ASP B 49 -7.69 -16.02 -29.89
C ASP B 49 -6.56 -15.09 -30.31
N VAL B 50 -5.46 -15.68 -30.78
CA VAL B 50 -4.25 -14.92 -31.06
C VAL B 50 -4.53 -13.82 -32.09
N SER B 51 -5.34 -14.13 -33.11
CA SER B 51 -5.66 -13.12 -34.11
C SER B 51 -6.52 -12.02 -33.51
N GLU B 52 -7.46 -12.38 -32.63
CA GLU B 52 -8.28 -11.37 -31.98
C GLU B 52 -7.45 -10.50 -31.04
N VAL B 53 -6.54 -11.12 -30.28
CA VAL B 53 -5.69 -10.37 -29.37
C VAL B 53 -4.85 -9.35 -30.14
N GLN B 54 -4.27 -9.78 -31.27
CA GLN B 54 -3.46 -8.88 -32.06
C GLN B 54 -4.27 -7.69 -32.57
N ALA B 55 -5.52 -7.93 -32.95
CA ALA B 55 -6.36 -6.84 -33.43
C ALA B 55 -6.80 -5.93 -32.29
N SER B 56 -6.99 -6.48 -31.09
CA SER B 56 -7.37 -5.67 -29.94
C SER B 56 -6.26 -4.70 -29.56
N VAL B 57 -5.03 -5.19 -29.49
CA VAL B 57 -3.91 -4.35 -29.06
C VAL B 57 -3.65 -3.25 -30.07
N THR B 58 -3.65 -3.59 -31.36
CA THR B 58 -3.46 -2.58 -32.39
C THR B 58 -4.53 -1.50 -32.30
N ALA B 59 -5.79 -1.90 -32.11
CA ALA B 59 -6.88 -0.95 -31.99
C ALA B 59 -7.04 -0.39 -30.59
N GLY B 60 -6.14 -0.74 -29.67
CA GLY B 60 -6.15 -0.10 -28.36
C GLY B 60 -5.13 1.01 -28.26
N ILE B 61 -4.02 0.85 -28.99
CA ILE B 61 -2.94 1.82 -28.96
C ILE B 61 -3.32 3.09 -29.75
N GLU B 62 -3.89 2.92 -30.94
CA GLU B 62 -4.22 4.07 -31.77
C GLU B 62 -5.27 4.95 -31.09
N ASN B 63 -6.27 4.33 -30.48
CA ASN B 63 -7.37 5.07 -29.85
C ASN B 63 -6.97 5.80 -28.58
N ILE B 64 -5.78 5.52 -28.02
CA ILE B 64 -5.27 6.35 -26.93
C ILE B 64 -5.17 7.79 -27.37
N ARG B 65 -4.96 8.01 -28.68
CA ARG B 65 -4.89 9.37 -29.22
C ARG B 65 -6.19 10.13 -29.05
N ARG B 66 -7.31 9.43 -28.84
CA ARG B 66 -8.58 10.11 -28.57
C ARG B 66 -8.60 10.79 -27.21
N VAL B 67 -7.76 10.36 -26.28
CA VAL B 67 -7.78 10.86 -24.91
C VAL B 67 -6.91 12.11 -24.83
N ASN B 68 -7.51 13.23 -24.42
CA ASN B 68 -6.76 14.45 -24.18
C ASN B 68 -5.81 14.22 -23.01
N GLY B 69 -4.52 14.08 -23.30
CA GLY B 69 -3.54 13.72 -22.30
C GLY B 69 -3.17 12.26 -22.28
N GLY B 70 -3.66 11.47 -23.22
CA GLY B 70 -3.35 10.05 -23.22
C GLY B 70 -1.90 9.80 -23.64
N GLU B 71 -1.27 8.85 -22.95
CA GLU B 71 0.09 8.45 -23.28
C GLU B 71 0.24 6.96 -23.02
N VAL B 72 0.76 6.24 -24.01
CA VAL B 72 1.04 4.81 -23.89
C VAL B 72 2.48 4.64 -23.42
N LEU B 73 2.71 3.67 -22.55
CA LEU B 73 4.06 3.35 -22.09
C LEU B 73 4.62 2.12 -22.80
N SER B 74 3.92 0.99 -22.72
CA SER B 74 4.38 -0.23 -23.37
C SER B 74 3.18 -1.08 -23.76
N ASN B 75 3.45 -2.12 -24.54
CA ASN B 75 2.43 -3.06 -24.98
C ASN B 75 3.12 -4.34 -25.43
N HIS B 76 2.46 -5.46 -25.19
CA HIS B 76 3.06 -6.76 -25.50
C HIS B 76 1.97 -7.81 -25.57
N ILE B 77 2.27 -8.89 -26.29
CA ILE B 77 1.36 -10.01 -26.45
C ILE B 77 2.11 -11.29 -26.12
N ILE B 78 1.51 -12.13 -25.28
CA ILE B 78 2.13 -13.36 -24.79
C ILE B 78 1.22 -14.53 -25.09
N ALA B 79 1.79 -15.58 -25.68
CA ALA B 79 1.03 -16.80 -25.95
C ALA B 79 0.65 -17.48 -24.64
N ARG B 80 -0.53 -18.07 -24.61
CA ARG B 80 -1.09 -18.66 -23.40
C ARG B 80 -1.43 -20.13 -23.64
N PRO B 81 -1.30 -20.97 -22.61
CA PRO B 81 -1.65 -22.38 -22.75
C PRO B 81 -3.15 -22.57 -22.90
N HIS B 82 -3.52 -23.72 -23.47
CA HIS B 82 -4.92 -24.05 -23.62
C HIS B 82 -5.58 -24.20 -22.26
N GLU B 83 -6.87 -23.85 -22.20
CA GLU B 83 -7.58 -23.82 -20.93
C GLU B 83 -9.08 -24.00 -21.20
N ASN B 84 -9.75 -24.71 -20.30
CA ASN B 84 -11.20 -24.96 -20.42
C ASN B 84 -11.97 -23.74 -19.91
N LEU B 85 -11.93 -22.67 -20.71
CA LEU B 85 -12.46 -21.38 -20.30
C LEU B 85 -13.95 -21.45 -20.00
N GLU B 86 -14.37 -20.73 -18.97
CA GLU B 86 -15.75 -20.71 -18.51
C GLU B 86 -16.31 -19.30 -18.62
N TYR B 87 -17.63 -19.22 -18.86
CA TYR B 87 -18.32 -17.95 -19.04
C TYR B 87 -19.68 -18.05 -18.39
N VAL B 88 -19.86 -17.44 -17.23
CA VAL B 88 -21.13 -17.45 -16.52
C VAL B 88 -21.93 -16.23 -16.93
N LEU B 89 -23.19 -16.45 -17.31
CA LEU B 89 -24.04 -15.37 -17.75
C LEU B 89 -24.97 -14.92 -16.61
N PRO B 90 -25.38 -13.65 -16.61
CA PRO B 90 -26.40 -13.22 -15.64
C PRO B 90 -27.70 -13.98 -15.86
N ILE B 91 -28.42 -14.17 -14.75
CA ILE B 91 -29.62 -15.01 -14.75
C ILE B 91 -30.73 -14.47 -15.62
N ARG B 92 -30.62 -13.22 -16.10
CA ARG B 92 -31.62 -12.69 -17.01
C ARG B 92 -31.50 -13.28 -18.40
N TYR B 93 -30.37 -13.90 -18.73
CA TYR B 93 -30.18 -14.52 -20.04
C TYR B 93 -30.58 -15.99 -20.06
N THR B 94 -31.20 -16.48 -18.99
CA THR B 94 -31.64 -17.88 -18.97
C THR B 94 -32.62 -18.17 -20.11
N GLU B 95 -33.48 -17.20 -20.43
CA GLU B 95 -34.36 -17.36 -21.59
C GLU B 95 -33.61 -17.24 -22.90
N ALA B 96 -32.38 -16.72 -22.90
CA ALA B 96 -31.58 -16.73 -24.12
C ALA B 96 -30.78 -18.02 -24.26
N VAL B 97 -30.53 -18.73 -23.17
CA VAL B 97 -29.73 -19.95 -23.25
C VAL B 97 -30.59 -21.15 -23.61
N GLU B 98 -31.75 -21.29 -22.97
CA GLU B 98 -32.61 -22.46 -23.19
C GLU B 98 -33.18 -22.50 -24.60
N GLN B 99 -33.27 -21.36 -25.29
CA GLN B 99 -33.73 -21.37 -26.68
C GLN B 99 -32.60 -21.65 -27.65
N PHE B 100 -31.37 -21.36 -27.26
CA PHE B 100 -30.22 -21.77 -28.08
C PHE B 100 -30.13 -23.29 -28.17
N ARG B 101 -30.55 -24.00 -27.10
CA ARG B 101 -30.59 -25.46 -27.16
C ARG B 101 -31.61 -25.96 -28.15
N GLU B 102 -32.62 -25.15 -28.49
CA GLU B 102 -33.60 -25.56 -29.47
C GLU B 102 -33.08 -25.47 -30.89
N ILE B 103 -32.09 -24.61 -31.14
CA ILE B 103 -31.53 -24.45 -32.48
C ILE B 103 -30.40 -25.43 -32.76
N VAL B 104 -29.86 -26.08 -31.73
CA VAL B 104 -28.86 -27.13 -31.92
C VAL B 104 -29.58 -28.46 -32.06
N ASN B 105 -28.98 -29.39 -32.83
CA ASN B 105 -29.59 -30.69 -33.00
C ASN B 105 -28.73 -31.79 -32.36
N PRO B 106 -29.35 -32.83 -31.81
CA PRO B 106 -28.59 -33.86 -31.07
C PRO B 106 -27.73 -34.75 -31.94
N SER B 107 -27.76 -34.57 -33.26
CA SER B 107 -27.02 -35.40 -34.22
C SER B 107 -25.82 -34.63 -34.75
N ILE B 108 -24.64 -35.25 -34.65
CA ILE B 108 -23.40 -34.63 -35.09
C ILE B 108 -22.89 -35.26 -36.38
N ILE B 109 -23.78 -35.91 -37.14
CA ILE B 109 -23.41 -36.60 -38.38
C ILE B 109 -23.92 -35.78 -39.56
N ARG B 110 -23.08 -35.68 -40.60
CA ARG B 110 -23.52 -34.99 -41.82
C ARG B 110 -24.46 -35.88 -42.64
N ARG B 111 -24.02 -37.10 -42.96
CA ARG B 111 -24.88 -38.07 -43.65
C ARG B 111 -24.61 -39.48 -43.13
N SER C 2 7.51 23.44 29.02
CA SER C 2 6.73 23.25 27.80
C SER C 2 7.40 22.21 26.89
N ILE C 3 6.60 21.34 26.29
CA ILE C 3 7.11 20.30 25.41
C ILE C 3 6.84 20.67 23.96
N ALA C 4 7.59 20.04 23.05
CA ALA C 4 7.43 20.26 21.63
C ALA C 4 7.68 18.96 20.90
N VAL C 5 7.57 19.01 19.57
CA VAL C 5 7.79 17.87 18.70
C VAL C 5 8.77 18.28 17.61
N GLY C 6 9.77 17.45 17.38
CA GLY C 6 10.79 17.72 16.37
C GLY C 6 10.79 16.64 15.31
N MET C 7 10.90 17.05 14.05
CA MET C 7 10.81 16.15 12.91
C MET C 7 11.98 16.39 11.96
N ILE C 8 12.52 15.31 11.43
CA ILE C 8 13.53 15.37 10.38
C ILE C 8 13.12 14.41 9.27
N GLU C 9 12.86 14.96 8.08
CA GLU C 9 12.51 14.16 6.92
C GLU C 9 13.74 14.01 6.03
N THR C 10 14.04 12.79 5.64
CA THR C 10 15.19 12.49 4.80
C THR C 10 14.76 11.78 3.53
N LEU C 11 15.65 11.80 2.54
CA LEU C 11 15.50 11.01 1.31
C LEU C 11 16.47 9.85 1.44
N GLY C 12 15.99 8.74 1.98
CA GLY C 12 16.83 7.58 2.24
C GLY C 12 16.63 7.03 3.63
N PHE C 13 16.66 5.70 3.77
CA PHE C 13 16.37 5.11 5.08
C PHE C 13 17.57 5.12 6.02
N PRO C 14 18.79 4.76 5.59
CA PRO C 14 19.93 4.88 6.52
C PRO C 14 20.07 6.25 7.14
N ALA C 15 19.85 7.31 6.35
CA ALA C 15 19.95 8.67 6.89
C ALA C 15 18.91 8.92 7.98
N VAL C 16 17.70 8.37 7.82
CA VAL C 16 16.67 8.61 8.82
C VAL C 16 16.99 7.84 10.10
N VAL C 17 17.71 6.72 10.00
CA VAL C 17 18.13 5.99 11.19
C VAL C 17 19.17 6.78 11.97
N GLU C 18 20.13 7.38 11.25
CA GLU C 18 21.14 8.20 11.92
C GLU C 18 20.51 9.45 12.51
N ALA C 19 19.55 10.06 11.82
CA ALA C 19 18.88 11.24 12.38
C ALA C 19 18.19 10.91 13.70
N ALA C 20 17.47 9.79 13.74
CA ALA C 20 16.79 9.39 14.97
C ALA C 20 17.79 9.07 16.09
N ASP C 21 18.86 8.34 15.76
CA ASP C 21 19.83 7.98 16.78
C ASP C 21 20.54 9.21 17.34
N SER C 22 20.84 10.19 16.46
CA SER C 22 21.50 11.41 16.92
C SER C 22 20.59 12.25 17.78
N MET C 23 19.30 12.32 17.43
CA MET C 23 18.38 13.17 18.17
C MET C 23 18.19 12.70 19.60
N VAL C 24 18.11 11.38 19.81
CA VAL C 24 17.92 10.86 21.16
C VAL C 24 19.21 10.79 21.96
N LYS C 25 20.37 10.92 21.30
CA LYS C 25 21.64 10.97 22.01
C LYS C 25 22.07 12.39 22.34
N ALA C 26 21.61 13.37 21.55
CA ALA C 26 22.05 14.75 21.72
C ALA C 26 21.30 15.50 22.81
N ALA C 27 20.07 15.09 23.12
CA ALA C 27 19.28 15.79 24.11
C ALA C 27 18.28 14.81 24.72
N ARG C 28 17.57 15.28 25.74
CA ARG C 28 16.63 14.43 26.49
C ARG C 28 15.27 14.50 25.81
N VAL C 29 15.10 13.65 24.79
CA VAL C 29 13.86 13.54 24.04
C VAL C 29 13.50 12.08 23.88
N THR C 30 12.24 11.84 23.52
CA THR C 30 11.74 10.50 23.23
C THR C 30 11.43 10.41 21.74
N LEU C 31 12.02 9.41 21.09
CA LEU C 31 11.65 9.10 19.71
C LEU C 31 10.26 8.48 19.71
N VAL C 32 9.29 9.16 19.09
CA VAL C 32 7.89 8.75 19.17
C VAL C 32 7.32 8.28 17.83
N GLY C 33 7.99 8.54 16.71
CA GLY C 33 7.38 8.28 15.43
C GLY C 33 8.37 8.01 14.33
N TYR C 34 7.95 7.19 13.37
CA TYR C 34 8.66 6.96 12.12
C TYR C 34 7.60 6.83 11.03
N GLU C 35 7.56 7.79 10.11
CA GLU C 35 6.50 7.89 9.13
C GLU C 35 7.05 7.79 7.73
N LYS C 36 6.25 7.21 6.83
CA LYS C 36 6.61 6.99 5.44
C LYS C 36 5.48 7.49 4.56
N ILE C 37 5.81 8.38 3.62
CA ILE C 37 4.82 8.95 2.71
C ILE C 37 5.09 8.56 1.26
N GLY C 38 6.05 7.66 1.02
CA GLY C 38 6.42 7.28 -0.33
C GLY C 38 7.51 8.17 -0.90
N SER C 39 7.89 7.84 -2.14
CA SER C 39 8.87 8.62 -2.90
C SER C 39 10.21 8.74 -2.16
N GLY C 40 10.55 7.76 -1.35
CA GLY C 40 11.81 7.79 -0.62
C GLY C 40 11.88 8.79 0.51
N ARG C 41 10.75 9.39 0.89
CA ARG C 41 10.70 10.39 1.95
C ARG C 41 10.28 9.71 3.25
N VAL C 42 11.13 9.81 4.27
CA VAL C 42 10.86 9.20 5.57
C VAL C 42 11.15 10.22 6.66
N THR C 43 10.37 10.18 7.73
CA THR C 43 10.45 11.18 8.80
C THR C 43 10.53 10.47 10.15
N VAL C 44 11.41 10.96 11.02
CA VAL C 44 11.48 10.53 12.41
C VAL C 44 11.06 11.69 13.29
N ILE C 45 10.30 11.38 14.35
CA ILE C 45 9.70 12.39 15.20
C ILE C 45 10.13 12.13 16.63
N VAL C 46 10.64 13.18 17.29
CA VAL C 46 10.97 13.12 18.71
C VAL C 46 10.09 14.11 19.46
N ARG C 47 10.00 13.91 20.77
CA ARG C 47 9.19 14.74 21.65
C ARG C 47 9.93 14.97 22.96
N GLY C 48 9.77 16.15 23.53
CA GLY C 48 10.38 16.46 24.80
C GLY C 48 10.30 17.95 25.09
N ASP C 49 11.01 18.35 26.14
CA ASP C 49 11.10 19.76 26.49
C ASP C 49 11.59 20.56 25.29
N VAL C 50 10.96 21.71 25.06
CA VAL C 50 11.16 22.45 23.82
C VAL C 50 12.63 22.83 23.64
N SER C 51 13.35 23.10 24.73
CA SER C 51 14.77 23.38 24.61
C SER C 51 15.54 22.12 24.24
N GLU C 52 15.16 20.97 24.80
CA GLU C 52 15.80 19.72 24.42
C GLU C 52 15.52 19.37 22.97
N VAL C 53 14.26 19.52 22.53
CA VAL C 53 13.90 19.19 21.16
C VAL C 53 14.71 20.02 20.17
N GLN C 54 14.94 21.30 20.49
CA GLN C 54 15.71 22.16 19.59
C GLN C 54 17.13 21.65 19.41
N ALA C 55 17.76 21.18 20.50
CA ALA C 55 19.11 20.66 20.40
C ALA C 55 19.14 19.32 19.69
N SER C 56 18.06 18.54 19.77
CA SER C 56 18.01 17.26 19.08
C SER C 56 17.96 17.44 17.57
N VAL C 57 17.06 18.32 17.09
CA VAL C 57 16.92 18.54 15.65
C VAL C 57 18.21 19.10 15.06
N THR C 58 18.85 20.02 15.78
CA THR C 58 20.08 20.63 15.28
C THR C 58 21.17 19.59 15.11
N ALA C 59 21.40 18.76 16.13
CA ALA C 59 22.40 17.71 16.02
C ALA C 59 21.98 16.61 15.06
N GLY C 60 20.66 16.39 14.93
CA GLY C 60 20.19 15.39 14.00
C GLY C 60 20.46 15.77 12.55
N ILE C 61 20.36 17.06 12.23
CA ILE C 61 20.63 17.51 10.87
C ILE C 61 22.13 17.50 10.58
N GLU C 62 22.94 17.89 11.57
CA GLU C 62 24.38 17.96 11.35
C GLU C 62 24.98 16.58 11.16
N ASN C 63 24.45 15.58 11.85
CA ASN C 63 25.04 14.25 11.81
C ASN C 63 24.70 13.47 10.54
N ILE C 64 23.78 13.98 9.71
CA ILE C 64 23.50 13.31 8.44
C ILE C 64 24.73 13.32 7.55
N ARG C 65 25.61 14.30 7.74
CA ARG C 65 26.87 14.33 7.00
C ARG C 65 27.71 13.08 7.25
N ARG C 66 27.51 12.39 8.38
CA ARG C 66 28.21 11.12 8.60
C ARG C 66 27.76 10.05 7.63
N VAL C 67 26.53 10.16 7.13
CA VAL C 67 25.93 9.10 6.32
C VAL C 67 26.40 9.25 4.88
N ASN C 68 27.10 8.24 4.37
CA ASN C 68 27.49 8.22 2.97
C ASN C 68 26.25 8.15 2.09
N GLY C 69 25.87 9.28 1.49
CA GLY C 69 24.67 9.36 0.71
C GLY C 69 23.46 9.91 1.45
N GLY C 70 23.63 10.37 2.69
CA GLY C 70 22.51 10.93 3.42
C GLY C 70 22.13 12.30 2.89
N GLU C 71 20.82 12.54 2.82
CA GLU C 71 20.29 13.82 2.36
C GLU C 71 19.07 14.19 3.17
N VAL C 72 19.06 15.39 3.72
CA VAL C 72 17.91 15.90 4.47
C VAL C 72 16.98 16.61 3.49
N LEU C 73 15.68 16.39 3.65
CA LEU C 73 14.67 17.03 2.81
C LEU C 73 13.98 18.21 3.50
N SER C 74 13.61 18.04 4.77
CA SER C 74 12.94 19.10 5.51
C SER C 74 13.04 18.79 7.00
N ASN C 75 12.73 19.80 7.81
CA ASN C 75 12.76 19.67 9.26
C ASN C 75 11.90 20.76 9.85
N HIS C 76 11.28 20.46 10.99
CA HIS C 76 10.39 21.42 11.61
C HIS C 76 10.20 21.07 13.08
N ILE C 77 9.88 22.08 13.88
CA ILE C 77 9.59 21.92 15.30
C ILE C 77 8.23 22.54 15.57
N ILE C 78 7.37 21.81 16.28
CA ILE C 78 6.00 22.23 16.54
C ILE C 78 5.76 22.17 18.04
N ALA C 79 5.22 23.25 18.60
CA ALA C 79 4.93 23.28 20.03
C ALA C 79 3.72 22.40 20.33
N ARG C 80 3.78 21.70 21.47
CA ARG C 80 2.74 20.77 21.85
C ARG C 80 2.14 21.16 23.19
N PRO C 81 0.84 20.94 23.37
CA PRO C 81 0.24 21.18 24.68
C PRO C 81 0.76 20.21 25.73
N HIS C 82 0.54 20.57 27.00
CA HIS C 82 0.98 19.73 28.09
C HIS C 82 0.22 18.40 28.09
N GLU C 83 0.87 17.37 28.59
CA GLU C 83 0.29 16.04 28.63
C GLU C 83 0.95 15.26 29.76
N ASN C 84 0.16 14.38 30.39
CA ASN C 84 0.67 13.53 31.46
C ASN C 84 1.37 12.32 30.85
N LEU C 85 2.61 12.55 30.41
CA LEU C 85 3.36 11.53 29.68
C LEU C 85 3.63 10.32 30.56
N GLU C 86 3.65 9.15 29.91
CA GLU C 86 3.82 7.87 30.58
C GLU C 86 5.04 7.14 30.02
N TYR C 87 5.72 6.39 30.88
CA TYR C 87 6.94 5.68 30.51
C TYR C 87 6.91 4.32 31.17
N VAL C 88 6.73 3.27 30.37
CA VAL C 88 6.71 1.90 30.88
C VAL C 88 8.10 1.31 30.75
N LEU C 89 8.58 0.71 31.83
CA LEU C 89 9.92 0.15 31.82
C LEU C 89 9.86 -1.37 31.76
N PRO C 90 10.82 -2.00 31.08
CA PRO C 90 10.91 -3.47 31.13
C PRO C 90 11.04 -3.98 32.55
N ILE C 91 10.61 -5.24 32.74
CA ILE C 91 10.53 -5.81 34.08
C ILE C 91 11.90 -6.00 34.73
N ARG C 92 12.99 -5.94 33.96
CA ARG C 92 14.32 -6.13 34.53
C ARG C 92 14.82 -4.91 35.28
N TYR C 93 14.15 -3.76 35.16
CA TYR C 93 14.52 -2.56 35.89
C TYR C 93 13.70 -2.38 37.15
N THR C 94 12.93 -3.40 37.56
CA THR C 94 12.12 -3.29 38.76
C THR C 94 12.98 -3.03 39.98
N GLU C 95 14.17 -3.64 40.04
CA GLU C 95 15.05 -3.41 41.18
C GLU C 95 15.57 -1.98 41.21
N ALA C 96 15.93 -1.43 40.04
CA ALA C 96 16.43 -0.06 39.98
C ALA C 96 15.36 0.92 40.40
N VAL C 97 14.12 0.72 39.95
CA VAL C 97 13.02 1.59 40.36
C VAL C 97 12.76 1.41 41.86
N GLU C 98 12.76 0.17 42.34
CA GLU C 98 12.48 -0.07 43.76
C GLU C 98 13.56 0.53 44.65
N GLN C 99 14.80 0.63 44.15
CA GLN C 99 15.86 1.26 44.93
C GLN C 99 15.77 2.78 44.89
N PHE C 100 15.31 3.34 43.76
CA PHE C 100 15.04 4.78 43.72
C PHE C 100 13.89 5.14 44.66
N ARG C 101 12.88 4.27 44.74
CA ARG C 101 11.81 4.47 45.72
C ARG C 101 12.35 4.49 47.14
N GLU C 102 13.47 3.82 47.38
CA GLU C 102 14.12 3.78 48.68
C GLU C 102 14.99 5.00 48.96
N ILE C 103 15.06 5.96 48.04
CA ILE C 103 15.94 7.11 48.19
C ILE C 103 15.12 8.36 48.47
N VAL C 104 13.92 8.44 47.87
CA VAL C 104 13.06 9.59 48.07
C VAL C 104 12.59 9.64 49.53
N ASN C 105 12.13 10.82 49.95
CA ASN C 105 11.53 10.96 51.26
C ASN C 105 10.07 11.36 51.12
N PRO C 106 9.21 10.91 52.03
CA PRO C 106 7.78 11.23 51.96
C PRO C 106 7.35 12.48 52.72
N SER C 107 8.27 13.15 53.42
CA SER C 107 7.94 14.35 54.18
C SER C 107 8.32 15.58 53.35
N ILE C 108 7.42 15.94 52.42
CA ILE C 108 7.66 17.07 51.53
C ILE C 108 7.49 18.41 52.21
N ILE C 109 7.12 18.44 53.49
CA ILE C 109 6.87 19.68 54.23
C ILE C 109 8.07 19.96 55.11
N ARG C 110 8.72 21.10 54.89
CA ARG C 110 9.87 21.50 55.69
C ARG C 110 9.40 21.96 57.07
N ARG C 111 9.79 21.22 58.10
CA ARG C 111 9.34 21.51 59.47
C ARG C 111 10.36 22.34 60.23
N SER D 2 26.25 -2.25 23.04
CA SER D 2 25.02 -2.76 22.43
C SER D 2 25.34 -3.66 21.24
N ILE D 3 24.36 -3.83 20.34
CA ILE D 3 24.53 -4.57 19.10
C ILE D 3 24.47 -3.58 17.96
N ALA D 4 25.52 -3.56 17.14
CA ALA D 4 25.61 -2.59 16.04
C ALA D 4 24.55 -2.88 14.97
N VAL D 5 24.29 -1.86 14.16
CA VAL D 5 23.37 -1.97 13.04
C VAL D 5 24.08 -1.48 11.77
N GLY D 6 23.97 -2.26 10.70
CA GLY D 6 24.54 -1.88 9.41
C GLY D 6 23.47 -1.87 8.33
N MET D 7 23.57 -0.91 7.42
CA MET D 7 22.52 -0.68 6.43
C MET D 7 23.12 -0.41 5.06
N ILE D 8 22.58 -1.07 4.04
CA ILE D 8 22.94 -0.82 2.65
C ILE D 8 21.66 -0.55 1.89
N GLU D 9 21.57 0.62 1.26
CA GLU D 9 20.41 1.03 0.49
C GLU D 9 20.77 1.08 -0.99
N THR D 10 20.01 0.37 -1.80
CA THR D 10 20.25 0.30 -3.24
C THR D 10 19.05 0.81 -4.01
N ARG D 11 19.29 1.25 -5.24
CA ARG D 11 18.24 1.54 -6.20
C ARG D 11 18.10 0.30 -7.07
N GLY D 12 17.17 -0.58 -6.70
CA GLY D 12 17.01 -1.85 -7.36
C GLY D 12 16.92 -3.00 -6.38
N PHE D 13 16.01 -3.93 -6.62
CA PHE D 13 15.81 -5.04 -5.71
C PHE D 13 16.86 -6.13 -5.87
N PRO D 14 17.23 -6.55 -7.10
CA PRO D 14 18.28 -7.58 -7.20
C PRO D 14 19.56 -7.21 -6.50
N ALA D 15 19.96 -5.94 -6.53
CA ALA D 15 21.18 -5.51 -5.85
C ALA D 15 21.05 -5.64 -4.34
N VAL D 16 19.87 -5.35 -3.79
CA VAL D 16 19.72 -5.41 -2.34
C VAL D 16 19.79 -6.86 -1.86
N VAL D 17 19.43 -7.82 -2.71
CA VAL D 17 19.52 -9.23 -2.33
C VAL D 17 20.97 -9.67 -2.28
N GLU D 18 21.76 -9.30 -3.29
CA GLU D 18 23.18 -9.61 -3.29
C GLU D 18 23.89 -8.93 -2.12
N ALA D 19 23.48 -7.71 -1.79
CA ALA D 19 24.04 -7.01 -0.65
C ALA D 19 23.79 -7.78 0.64
N ALA D 20 22.55 -8.22 0.85
CA ALA D 20 22.24 -8.99 2.04
C ALA D 20 22.99 -10.33 2.06
N ASP D 21 23.09 -10.99 0.90
CA ASP D 21 23.76 -12.29 0.85
C ASP D 21 25.24 -12.16 1.15
N SER D 22 25.89 -11.12 0.63
CA SER D 22 27.31 -10.91 0.92
C SER D 22 27.53 -10.59 2.39
N MET D 23 26.64 -9.79 2.98
CA MET D 23 26.85 -9.36 4.37
C MET D 23 26.81 -10.54 5.33
N VAL D 24 25.81 -11.41 5.19
CA VAL D 24 25.71 -12.54 6.11
C VAL D 24 26.74 -13.62 5.82
N LYS D 25 27.33 -13.63 4.62
CA LYS D 25 28.38 -14.59 4.28
C LYS D 25 29.79 -14.11 4.63
N ALA D 26 29.97 -12.79 4.78
CA ALA D 26 31.30 -12.24 5.01
C ALA D 26 31.68 -12.17 6.48
N ALA D 27 30.72 -12.09 7.38
CA ALA D 27 31.01 -11.94 8.80
C ALA D 27 29.83 -12.48 9.60
N ARG D 28 29.97 -12.44 10.94
CA ARG D 28 28.93 -12.92 11.84
C ARG D 28 27.93 -11.80 12.10
N VAL D 29 26.99 -11.65 11.16
CA VAL D 29 25.91 -10.69 11.31
C VAL D 29 24.59 -11.42 10.99
N THR D 30 23.51 -10.86 11.51
CA THR D 30 22.17 -11.41 11.30
C THR D 30 21.36 -10.41 10.49
N LEU D 31 20.91 -10.83 9.31
CA LEU D 31 19.99 -10.03 8.52
C LEU D 31 18.64 -9.99 9.24
N VAL D 32 18.21 -8.80 9.65
CA VAL D 32 17.01 -8.67 10.47
C VAL D 32 15.89 -7.92 9.77
N GLY D 33 16.17 -7.16 8.72
CA GLY D 33 15.15 -6.29 8.15
C GLY D 33 15.35 -6.02 6.68
N TYR D 34 14.24 -5.81 5.99
CA TYR D 34 14.21 -5.38 4.60
C TYR D 34 13.16 -4.28 4.50
N GLU D 35 13.58 -3.07 4.14
CA GLU D 35 12.74 -1.89 4.23
C GLU D 35 12.60 -1.24 2.86
N LYS D 36 11.35 -0.93 2.50
CA LYS D 36 11.03 -0.28 1.24
C LYS D 36 10.42 1.08 1.53
N ILE D 37 10.97 2.14 0.94
CA ILE D 37 10.51 3.50 1.18
C ILE D 37 10.03 4.18 -0.10
N GLY D 38 9.99 3.46 -1.22
CA GLY D 38 9.50 4.01 -2.46
C GLY D 38 10.60 4.56 -3.35
N SER D 39 10.19 4.90 -4.58
CA SER D 39 11.10 5.42 -5.60
C SER D 39 12.28 4.47 -5.86
N GLY D 40 12.05 3.16 -5.70
CA GLY D 40 13.09 2.19 -5.95
C GLY D 40 14.15 2.08 -4.89
N ARG D 41 13.98 2.73 -3.74
CA ARG D 41 14.97 2.68 -2.66
C ARG D 41 14.60 1.58 -1.68
N VAL D 42 15.49 0.61 -1.52
CA VAL D 42 15.29 -0.51 -0.61
C VAL D 42 16.54 -0.68 0.24
N THR D 43 16.36 -1.06 1.50
CA THR D 43 17.45 -1.18 2.45
C THR D 43 17.38 -2.53 3.14
N VAL D 44 18.54 -3.17 3.31
CA VAL D 44 18.68 -4.38 4.12
C VAL D 44 19.46 -4.02 5.37
N ILE D 45 19.01 -4.55 6.51
CA ILE D 45 19.56 -4.20 7.82
C ILE D 45 20.12 -5.47 8.47
N VAL D 46 21.31 -5.35 9.06
CA VAL D 46 21.96 -6.44 9.77
C VAL D 46 22.35 -5.97 11.16
N ARG D 47 22.46 -6.92 12.07
CA ARG D 47 22.84 -6.66 13.46
C ARG D 47 23.96 -7.60 13.87
N GLY D 48 24.88 -7.09 14.69
CA GLY D 48 25.99 -7.89 15.18
C GLY D 48 27.05 -6.99 15.79
N ASP D 49 28.19 -7.62 16.12
CA ASP D 49 29.34 -6.87 16.60
C ASP D 49 29.75 -5.83 15.57
N VAL D 50 30.17 -4.66 16.06
CA VAL D 50 30.52 -3.57 15.15
C VAL D 50 31.67 -3.99 14.24
N SER D 51 32.56 -4.85 14.72
CA SER D 51 33.66 -5.33 13.89
C SER D 51 33.15 -6.22 12.75
N GLU D 52 32.20 -7.11 13.06
CA GLU D 52 31.65 -7.97 12.02
C GLU D 52 30.74 -7.17 11.08
N VAL D 53 29.96 -6.24 11.63
CA VAL D 53 29.10 -5.40 10.80
C VAL D 53 29.94 -4.58 9.82
N GLN D 54 31.09 -4.08 10.28
CA GLN D 54 31.94 -3.27 9.41
C GLN D 54 32.50 -4.09 8.25
N ALA D 55 32.88 -5.34 8.52
CA ALA D 55 33.36 -6.20 7.45
C ALA D 55 32.23 -6.58 6.50
N SER D 56 31.05 -6.87 7.06
CA SER D 56 29.93 -7.29 6.21
C SER D 56 29.44 -6.16 5.34
N VAL D 57 29.32 -4.94 5.88
CA VAL D 57 28.86 -3.81 5.07
C VAL D 57 29.85 -3.53 3.95
N SER D 58 31.15 -3.58 4.25
CA SER D 58 32.16 -3.33 3.22
C SER D 58 32.08 -4.36 2.10
N ALA D 59 31.85 -5.63 2.46
CA ALA D 59 31.73 -6.66 1.44
C ALA D 59 30.44 -6.51 0.65
N GLY D 60 29.35 -6.12 1.33
CA GLY D 60 28.08 -5.94 0.64
C GLY D 60 28.11 -4.81 -0.37
N ILE D 61 28.86 -3.75 -0.09
CA ILE D 61 28.94 -2.62 -1.00
C ILE D 61 29.67 -3.02 -2.29
N GLU D 62 30.80 -3.72 -2.15
CA GLU D 62 31.58 -4.08 -3.33
C GLU D 62 30.86 -5.09 -4.20
N ALA D 63 30.16 -6.05 -3.58
CA ALA D 63 29.42 -7.04 -4.36
C ALA D 63 28.15 -6.48 -4.96
N ALA D 64 27.51 -5.51 -4.30
CA ALA D 64 26.30 -4.91 -4.85
C ALA D 64 26.59 -4.16 -6.14
N ASN D 65 27.78 -3.57 -6.25
CA ASN D 65 28.21 -2.95 -7.50
C ASN D 65 28.64 -3.98 -8.53
N ARG D 66 28.91 -5.22 -8.12
CA ARG D 66 29.19 -6.31 -9.05
C ARG D 66 27.94 -6.83 -9.74
N VAL D 67 26.76 -6.34 -9.36
CA VAL D 67 25.50 -6.82 -9.94
C VAL D 67 25.24 -6.08 -11.25
N ASN D 68 24.76 -6.81 -12.24
CA ASN D 68 24.39 -6.21 -13.52
C ASN D 68 23.26 -5.21 -13.32
N GLY D 69 23.60 -3.92 -13.37
CA GLY D 69 22.65 -2.88 -13.02
C GLY D 69 22.64 -2.49 -11.56
N GLY D 70 23.52 -3.07 -10.74
CA GLY D 70 23.52 -2.75 -9.33
C GLY D 70 23.94 -1.31 -9.08
N GLU D 71 23.24 -0.66 -8.16
CA GLU D 71 23.51 0.73 -7.81
C GLU D 71 23.28 0.91 -6.32
N VAL D 72 24.33 1.30 -5.60
CA VAL D 72 24.23 1.59 -4.17
C VAL D 72 23.90 3.07 -4.01
N LEU D 73 22.93 3.37 -3.14
CA LEU D 73 22.50 4.75 -2.90
C LEU D 73 23.06 5.33 -1.62
N SER D 74 22.99 4.58 -0.52
CA SER D 74 23.51 5.06 0.74
C SER D 74 23.87 3.87 1.62
N THR D 75 24.80 4.11 2.55
CA THR D 75 25.27 3.09 3.48
C THR D 75 25.60 3.76 4.80
N HIS D 76 25.42 3.03 5.90
CA HIS D 76 25.68 3.59 7.22
C HIS D 76 25.82 2.48 8.24
N ILE D 77 26.61 2.75 9.27
CA ILE D 77 26.82 1.84 10.39
C ILE D 77 26.70 2.65 11.69
N ILE D 78 25.99 2.09 12.67
CA ILE D 78 25.90 2.67 14.00
C ILE D 78 26.37 1.62 15.00
N ALA D 79 27.41 1.95 15.77
CA ALA D 79 28.05 0.96 16.63
C ALA D 79 27.19 0.59 17.83
N ARG D 80 26.66 1.60 18.53
CA ARG D 80 25.80 1.39 19.70
C ARG D 80 24.54 2.22 19.54
N PRO D 81 23.54 1.69 18.85
CA PRO D 81 22.28 2.45 18.69
C PRO D 81 21.56 2.62 20.01
N HIS D 82 21.00 3.80 20.21
CA HIS D 82 20.22 4.10 21.40
C HIS D 82 19.05 3.12 21.52
N GLU D 83 18.73 2.77 22.76
CA GLU D 83 17.67 1.79 23.02
C GLU D 83 16.34 2.21 22.42
N ASN D 84 16.08 3.52 22.31
CA ASN D 84 14.80 4.00 21.80
C ASN D 84 14.56 3.54 20.36
N LEU D 85 15.62 3.37 19.57
CA LEU D 85 15.45 3.02 18.17
C LEU D 85 14.81 1.64 17.99
N GLU D 86 15.08 0.71 18.92
CA GLU D 86 14.74 -0.69 18.70
C GLU D 86 13.24 -0.89 18.52
N TYR D 87 12.41 -0.11 19.20
CA TYR D 87 10.97 -0.32 19.14
C TYR D 87 10.24 0.80 18.41
N VAL D 88 10.95 1.54 17.55
CA VAL D 88 10.32 2.55 16.70
C VAL D 88 10.73 2.29 15.26
N LEU D 89 12.01 1.97 15.05
CA LEU D 89 12.48 1.72 13.69
C LEU D 89 12.58 0.22 13.42
N PRO D 90 12.36 -0.19 12.17
CA PRO D 90 12.42 -1.63 11.82
C PRO D 90 13.84 -2.15 11.70
N ILE D 91 14.57 -2.14 12.81
CA ILE D 91 15.92 -2.66 12.90
C ILE D 91 16.04 -3.77 13.94
N ARG D 92 14.93 -4.18 14.52
CA ARG D 92 14.91 -5.08 15.67
C ARG D 92 15.02 -6.54 15.24
N TYR D 93 15.54 -7.36 16.15
CA TYR D 93 15.53 -8.81 15.94
C TYR D 93 14.10 -9.33 15.97
N THR D 94 13.76 -10.18 15.01
CA THR D 94 12.47 -10.85 14.97
C THR D 94 12.67 -12.33 15.22
N GLU D 95 11.58 -12.99 15.66
CA GLU D 95 11.65 -14.41 15.97
C GLU D 95 11.93 -15.27 14.74
N GLU D 96 11.63 -14.77 13.55
CA GLU D 96 11.91 -15.54 12.34
C GLU D 96 13.41 -15.71 12.11
N VAL D 97 14.22 -14.75 12.56
CA VAL D 97 15.66 -14.79 12.38
C VAL D 97 16.38 -15.06 13.70
N GLU D 98 15.64 -15.36 14.77
CA GLU D 98 16.27 -15.62 16.06
C GLU D 98 17.11 -16.90 16.04
N GLN D 99 16.88 -17.78 15.07
CA GLN D 99 17.70 -18.97 14.93
C GLN D 99 19.12 -18.62 14.50
N PHE D 100 19.25 -17.71 13.53
CA PHE D 100 20.56 -17.30 13.04
C PHE D 100 21.32 -16.45 14.05
N ARG D 101 20.66 -16.06 15.15
CA ARG D 101 21.30 -15.28 16.20
C ARG D 101 21.97 -16.24 17.17
N THR D 102 23.30 -16.24 17.19
CA THR D 102 24.06 -17.10 18.09
C THR D 102 24.79 -16.33 19.17
N TYR D 103 24.68 -15.00 19.18
CA TYR D 103 25.31 -14.15 20.19
C TYR D 103 26.82 -14.38 20.26
N SER E 2 -26.93 2.55 -23.21
CA SER E 2 -26.08 2.46 -22.02
C SER E 2 -25.95 3.81 -21.34
N ILE E 3 -25.17 3.86 -20.25
CA ILE E 3 -24.92 5.08 -19.50
C ILE E 3 -23.43 5.40 -19.60
N ALA E 4 -23.12 6.66 -19.91
CA ALA E 4 -21.76 7.06 -20.22
C ALA E 4 -20.91 7.15 -18.96
N VAL E 5 -19.60 7.17 -19.16
CA VAL E 5 -18.62 7.32 -18.09
C VAL E 5 -17.80 8.57 -18.38
N GLY E 6 -17.61 9.39 -17.36
CA GLY E 6 -16.81 10.60 -17.49
C GLY E 6 -15.69 10.60 -16.46
N MET E 7 -14.51 11.03 -16.89
CA MET E 7 -13.32 10.95 -16.06
C MET E 7 -12.51 12.22 -16.17
N ILE E 8 -12.02 12.70 -15.03
CA ILE E 8 -11.09 13.82 -14.95
C ILE E 8 -9.94 13.40 -14.07
N GLU E 9 -8.72 13.42 -14.62
CA GLU E 9 -7.52 13.07 -13.88
C GLU E 9 -6.68 14.32 -13.64
N THR E 10 -6.18 14.46 -12.42
CA THR E 10 -5.47 15.67 -12.03
C THR E 10 -4.21 15.31 -11.26
N ARG E 11 -3.34 16.31 -11.11
CA ARG E 11 -2.13 16.20 -10.30
C ARG E 11 -2.37 17.01 -9.04
N GLY E 12 -2.74 16.33 -7.96
CA GLY E 12 -3.09 17.00 -6.72
C GLY E 12 -4.45 16.56 -6.22
N PHE E 13 -4.59 16.37 -4.91
CA PHE E 13 -5.86 15.92 -4.36
C PHE E 13 -6.91 17.04 -4.27
N PRO E 14 -6.57 18.27 -3.84
CA PRO E 14 -7.61 19.31 -3.77
C PRO E 14 -8.31 19.55 -5.10
N ALA E 15 -7.59 19.49 -6.21
CA ALA E 15 -8.21 19.73 -7.51
C ALA E 15 -9.19 18.62 -7.89
N VAL E 16 -8.92 17.37 -7.49
CA VAL E 16 -9.82 16.28 -7.86
C VAL E 16 -11.13 16.39 -7.08
N VAL E 17 -11.09 16.92 -5.87
CA VAL E 17 -12.32 17.07 -5.09
C VAL E 17 -13.20 18.13 -5.73
N GLU E 18 -12.61 19.26 -6.12
CA GLU E 18 -13.37 20.31 -6.80
C GLU E 18 -13.94 19.80 -8.11
N ALA E 19 -13.16 19.01 -8.85
CA ALA E 19 -13.68 18.41 -10.08
C ALA E 19 -14.91 17.55 -9.79
N ALA E 20 -14.81 16.67 -8.81
CA ALA E 20 -15.94 15.82 -8.45
C ALA E 20 -17.14 16.67 -7.99
N ASP E 21 -16.88 17.72 -7.22
CA ASP E 21 -17.97 18.56 -6.73
C ASP E 21 -18.66 19.30 -7.87
N SER E 22 -17.89 19.82 -8.84
CA SER E 22 -18.49 20.54 -9.94
C SER E 22 -19.22 19.61 -10.90
N MET E 23 -18.65 18.43 -11.16
CA MET E 23 -19.30 17.47 -12.05
C MET E 23 -20.67 17.07 -11.53
N VAL E 24 -20.74 16.75 -10.22
CA VAL E 24 -21.99 16.27 -9.63
C VAL E 24 -22.99 17.38 -9.38
N LYS E 25 -22.56 18.65 -9.46
CA LYS E 25 -23.47 19.78 -9.33
C LYS E 25 -23.94 20.34 -10.67
N ALA E 26 -23.24 20.03 -11.77
CA ALA E 26 -23.53 20.64 -13.06
C ALA E 26 -24.53 19.86 -13.89
N ALA E 27 -24.77 18.59 -13.57
CA ALA E 27 -25.70 17.78 -14.36
C ALA E 27 -26.13 16.58 -13.52
N ARG E 28 -26.96 15.73 -14.12
CA ARG E 28 -27.45 14.52 -13.46
C ARG E 28 -26.48 13.38 -13.72
N VAL E 29 -25.37 13.40 -12.97
CA VAL E 29 -24.40 12.32 -12.97
C VAL E 29 -24.18 11.88 -11.53
N THR E 30 -23.68 10.66 -11.39
CA THR E 30 -23.34 10.09 -10.08
C THR E 30 -21.84 9.88 -10.03
N LEU E 31 -21.18 10.49 -9.04
CA LEU E 31 -19.77 10.19 -8.78
C LEU E 31 -19.66 8.79 -8.20
N VAL E 32 -19.00 7.89 -8.93
CA VAL E 32 -18.95 6.49 -8.53
C VAL E 32 -17.56 6.05 -8.06
N GLY E 33 -16.49 6.71 -8.48
CA GLY E 33 -15.16 6.23 -8.19
C GLY E 33 -14.16 7.35 -7.94
N TYR E 34 -13.17 7.03 -7.11
CA TYR E 34 -11.99 7.85 -6.89
C TYR E 34 -10.79 6.93 -6.95
N GLU E 35 -9.98 7.06 -8.01
CA GLU E 35 -8.93 6.11 -8.33
C GLU E 35 -7.56 6.76 -8.18
N LYS E 36 -6.65 6.08 -7.48
CA LYS E 36 -5.30 6.57 -7.24
C LYS E 36 -4.31 5.61 -7.87
N ILE E 37 -3.41 6.13 -8.71
CA ILE E 37 -2.45 5.33 -9.45
C ILE E 37 -1.00 5.69 -9.14
N GLY E 38 -0.76 6.64 -8.24
CA GLY E 38 0.59 7.04 -7.90
C GLY E 38 1.05 8.25 -8.70
N SER E 39 2.25 8.73 -8.34
CA SER E 39 2.87 9.90 -8.96
C SER E 39 1.99 11.15 -8.89
N GLY E 40 1.10 11.20 -7.89
CA GLY E 40 0.23 12.35 -7.72
C GLY E 40 -0.97 12.40 -8.64
N ARG E 41 -1.20 11.35 -9.43
CA ARG E 41 -2.29 11.32 -10.39
C ARG E 41 -3.51 10.67 -9.76
N VAL E 42 -4.62 11.41 -9.71
CA VAL E 42 -5.88 10.90 -9.18
C VAL E 42 -7.00 11.22 -10.15
N THR E 43 -7.95 10.30 -10.28
CA THR E 43 -9.08 10.43 -11.19
C THR E 43 -10.38 10.32 -10.42
N VAL E 44 -11.37 11.13 -10.81
CA VAL E 44 -12.75 11.01 -10.33
C VAL E 44 -13.60 10.56 -11.50
N ILE E 45 -14.56 9.67 -11.23
CA ILE E 45 -15.33 9.00 -12.26
C ILE E 45 -16.81 9.19 -12.00
N VAL E 46 -17.56 9.59 -13.03
CA VAL E 46 -19.00 9.80 -12.93
C VAL E 46 -19.69 8.95 -14.00
N ARG E 47 -20.92 8.53 -13.69
CA ARG E 47 -21.76 7.79 -14.64
C ARG E 47 -23.09 8.50 -14.82
N GLY E 48 -23.66 8.34 -16.00
CA GLY E 48 -24.96 8.93 -16.29
C GLY E 48 -25.19 9.02 -17.79
N ASP E 49 -26.13 9.89 -18.15
CA ASP E 49 -26.44 10.12 -19.55
C ASP E 49 -25.31 10.89 -20.23
N VAL E 50 -25.05 10.57 -21.50
CA VAL E 50 -23.87 11.10 -22.19
C VAL E 50 -23.92 12.63 -22.25
N SER E 51 -25.11 13.20 -22.48
CA SER E 51 -25.21 14.65 -22.56
C SER E 51 -25.00 15.29 -21.19
N GLU E 52 -25.47 14.63 -20.13
CA GLU E 52 -25.21 15.12 -18.78
C GLU E 52 -23.75 14.94 -18.40
N VAL E 53 -23.16 13.80 -18.77
CA VAL E 53 -21.75 13.55 -18.48
C VAL E 53 -20.87 14.58 -19.17
N GLN E 54 -21.22 14.96 -20.41
CA GLN E 54 -20.44 15.96 -21.13
C GLN E 54 -20.47 17.30 -20.41
N ALA E 55 -21.64 17.72 -19.94
CA ALA E 55 -21.74 18.99 -19.22
C ALA E 55 -21.01 18.95 -17.88
N SER E 56 -20.97 17.78 -17.24
CA SER E 56 -20.25 17.66 -15.97
C SER E 56 -18.75 17.79 -16.17
N VAL E 57 -18.21 17.08 -17.16
CA VAL E 57 -16.77 17.10 -17.39
C VAL E 57 -16.29 18.51 -17.73
N SER E 58 -17.03 19.21 -18.60
CA SER E 58 -16.64 20.57 -18.95
C SER E 58 -16.63 21.48 -17.74
N ALA E 59 -17.66 21.39 -16.90
CA ALA E 59 -17.69 22.20 -15.68
C ALA E 59 -16.60 21.77 -14.70
N GLY E 60 -16.27 20.48 -14.67
CA GLY E 60 -15.22 20.01 -13.78
C GLY E 60 -13.84 20.48 -14.20
N ILE E 61 -13.57 20.44 -15.51
CA ILE E 61 -12.27 20.90 -16.02
C ILE E 61 -12.06 22.37 -15.69
N GLU E 62 -13.03 23.22 -16.03
CA GLU E 62 -12.89 24.64 -15.79
C GLU E 62 -12.75 24.93 -14.30
N ALA E 63 -13.49 24.21 -13.46
CA ALA E 63 -13.41 24.45 -12.02
C ALA E 63 -12.10 23.93 -11.44
N ALA E 64 -11.63 22.77 -11.92
CA ALA E 64 -10.36 22.24 -11.44
C ALA E 64 -9.20 23.17 -11.77
N ASN E 65 -9.30 23.91 -12.87
CA ASN E 65 -8.28 24.90 -13.21
C ASN E 65 -8.33 26.09 -12.26
N ARG E 66 -9.52 26.49 -11.82
CA ARG E 66 -9.67 27.63 -10.92
C ARG E 66 -9.11 27.37 -9.52
N VAL E 67 -8.72 26.13 -9.21
CA VAL E 67 -8.18 25.82 -7.89
C VAL E 67 -6.76 26.35 -7.78
N ASN E 68 -6.44 26.94 -6.64
CA ASN E 68 -5.10 27.45 -6.40
C ASN E 68 -4.14 26.27 -6.34
N GLY E 69 -3.37 26.07 -7.41
CA GLY E 69 -2.48 24.94 -7.53
C GLY E 69 -3.04 23.77 -8.33
N GLY E 70 -4.23 23.92 -8.90
CA GLY E 70 -4.84 22.81 -9.63
C GLY E 70 -4.19 22.62 -10.99
N GLU E 71 -4.11 21.36 -11.40
CA GLU E 71 -3.58 21.00 -12.71
C GLU E 71 -4.32 19.76 -13.21
N VAL E 72 -4.96 19.88 -14.36
CA VAL E 72 -5.62 18.74 -14.99
C VAL E 72 -4.61 18.01 -15.86
N LEU E 73 -4.53 16.69 -15.70
CA LEU E 73 -3.59 15.88 -16.47
C LEU E 73 -4.23 15.31 -17.73
N SER E 74 -5.34 14.60 -17.58
CA SER E 74 -6.01 14.02 -18.72
C SER E 74 -7.51 14.03 -18.50
N THR E 75 -8.25 13.84 -19.58
CA THR E 75 -9.70 13.93 -19.58
C THR E 75 -10.25 13.03 -20.68
N HIS E 76 -11.30 12.28 -20.36
CA HIS E 76 -11.91 11.42 -21.38
C HIS E 76 -13.36 11.17 -21.04
N ILE E 77 -14.13 10.85 -22.09
CA ILE E 77 -15.53 10.47 -21.97
C ILE E 77 -15.77 9.29 -22.91
N ILE E 78 -16.45 8.26 -22.42
CA ILE E 78 -16.88 7.13 -23.24
C ILE E 78 -18.39 7.04 -23.14
N ALA E 79 -19.06 7.22 -24.28
CA ALA E 79 -20.53 7.31 -24.27
C ALA E 79 -21.16 5.95 -23.97
N ARG E 80 -20.76 4.91 -24.70
CA ARG E 80 -21.34 3.58 -24.55
C ARG E 80 -20.22 2.60 -24.23
N PRO E 81 -19.80 2.53 -22.96
CA PRO E 81 -18.72 1.62 -22.59
C PRO E 81 -19.17 0.17 -22.62
N HIS E 82 -18.24 -0.70 -23.02
CA HIS E 82 -18.52 -2.12 -23.12
C HIS E 82 -18.89 -2.69 -21.76
N GLU E 83 -19.82 -3.66 -21.74
CA GLU E 83 -20.27 -4.26 -20.49
C GLU E 83 -19.14 -4.94 -19.73
N ASN E 84 -18.08 -5.38 -20.42
CA ASN E 84 -16.98 -6.07 -19.76
C ASN E 84 -16.26 -5.16 -18.78
N LEU E 85 -16.12 -3.88 -19.13
CA LEU E 85 -15.38 -2.95 -18.27
C LEU E 85 -16.03 -2.77 -16.91
N GLU E 86 -17.33 -3.04 -16.79
CA GLU E 86 -18.05 -2.73 -15.56
C GLU E 86 -17.47 -3.48 -14.36
N TYR E 87 -17.06 -4.73 -14.55
CA TYR E 87 -16.60 -5.56 -13.45
C TYR E 87 -15.10 -5.84 -13.49
N VAL E 88 -14.32 -4.97 -14.13
CA VAL E 88 -12.87 -5.08 -14.15
C VAL E 88 -12.26 -3.76 -13.70
N LEU E 89 -12.68 -2.66 -14.34
CA LEU E 89 -12.20 -1.33 -14.00
C LEU E 89 -13.13 -0.68 -12.97
N PRO E 90 -12.58 0.13 -12.07
CA PRO E 90 -13.41 0.77 -11.02
C PRO E 90 -14.21 1.95 -11.54
N ILE E 91 -15.17 1.67 -12.43
CA ILE E 91 -16.05 2.67 -13.01
C ILE E 91 -17.52 2.33 -12.77
N ARG E 92 -17.77 1.43 -11.82
CA ARG E 92 -19.07 0.81 -11.64
C ARG E 92 -19.88 1.53 -10.56
N TYR E 93 -21.20 1.48 -10.70
CA TYR E 93 -22.08 1.90 -9.63
C TYR E 93 -21.87 1.05 -8.40
N THR E 94 -21.54 1.68 -7.29
CA THR E 94 -21.41 1.00 -6.01
C THR E 94 -22.66 1.22 -5.18
N GLU E 95 -22.87 0.31 -4.20
CA GLU E 95 -24.05 0.41 -3.36
C GLU E 95 -24.03 1.64 -2.47
N GLU E 96 -22.86 2.24 -2.25
CA GLU E 96 -22.78 3.46 -1.45
C GLU E 96 -23.34 4.67 -2.20
N VAL E 97 -23.36 4.63 -3.52
CA VAL E 97 -23.86 5.73 -4.34
C VAL E 97 -25.12 5.32 -5.11
N GLU E 98 -25.76 4.21 -4.71
CA GLU E 98 -26.98 3.78 -5.38
C GLU E 98 -28.09 4.81 -5.20
N GLN E 99 -28.17 5.43 -4.02
CA GLN E 99 -29.23 6.38 -3.76
C GLN E 99 -29.19 7.57 -4.71
N PHE E 100 -27.99 8.02 -5.06
CA PHE E 100 -27.82 9.19 -5.90
C PHE E 100 -28.06 8.91 -7.38
N ARG E 101 -28.41 7.68 -7.74
CA ARG E 101 -28.62 7.33 -9.14
C ARG E 101 -30.01 7.74 -9.60
N THR E 102 -30.08 8.35 -10.78
CA THR E 102 -31.33 8.76 -11.40
C THR E 102 -31.54 7.98 -12.70
N TYR E 103 -32.72 8.18 -13.30
CA TYR E 103 -33.07 7.52 -14.54
C TYR E 103 -33.63 8.51 -15.55
N SER F 2 20.52 -23.87 -0.77
CA SER F 2 21.23 -24.56 -1.84
C SER F 2 20.41 -24.55 -3.12
N ILE F 3 19.26 -23.88 -3.08
CA ILE F 3 18.39 -23.71 -4.24
C ILE F 3 18.61 -22.30 -4.77
N ALA F 4 19.13 -22.19 -5.99
CA ALA F 4 19.51 -20.90 -6.54
C ALA F 4 18.30 -19.99 -6.70
N VAL F 5 18.58 -18.69 -6.81
CA VAL F 5 17.55 -17.68 -7.02
C VAL F 5 17.92 -16.86 -8.23
N GLY F 6 16.93 -16.57 -9.07
CA GLY F 6 17.12 -15.73 -10.25
C GLY F 6 16.17 -14.56 -10.21
N MET F 7 16.64 -13.39 -10.65
CA MET F 7 15.85 -12.17 -10.58
C MET F 7 16.07 -11.35 -11.84
N ILE F 8 14.97 -10.88 -12.42
CA ILE F 8 14.99 -9.93 -13.54
C ILE F 8 14.14 -8.74 -13.12
N GLU F 9 14.72 -7.55 -13.18
CA GLU F 9 14.04 -6.32 -12.80
C GLU F 9 13.77 -5.49 -14.04
N THR F 10 12.50 -5.15 -14.26
CA THR F 10 12.08 -4.43 -15.45
C THR F 10 11.44 -3.10 -15.06
N LEU F 11 11.35 -2.22 -16.03
CA LEU F 11 10.62 -0.96 -15.92
C LEU F 11 9.31 -1.13 -16.69
N GLY F 12 8.25 -1.46 -15.97
CA GLY F 12 6.95 -1.63 -16.60
C GLY F 12 6.33 -2.99 -16.35
N PHE F 13 4.99 -3.04 -16.30
CA PHE F 13 4.32 -4.30 -16.02
C PHE F 13 4.39 -5.29 -17.17
N PRO F 14 4.15 -4.91 -18.44
CA PRO F 14 4.20 -5.92 -19.51
C PRO F 14 5.54 -6.61 -19.63
N ALA F 15 6.64 -5.93 -19.33
CA ALA F 15 7.95 -6.56 -19.43
C ALA F 15 8.17 -7.57 -18.32
N VAL F 16 7.68 -7.29 -17.11
CA VAL F 16 7.91 -8.24 -16.03
C VAL F 16 7.09 -9.50 -16.23
N VAL F 17 5.95 -9.39 -16.93
CA VAL F 17 5.18 -10.59 -17.27
C VAL F 17 5.88 -11.35 -18.39
N GLU F 18 6.43 -10.63 -19.37
CA GLU F 18 7.22 -11.27 -20.41
C GLU F 18 8.53 -11.82 -19.86
N ALA F 19 9.01 -11.34 -18.72
CA ALA F 19 10.15 -11.99 -18.09
C ALA F 19 9.72 -13.27 -17.39
N ALA F 20 8.61 -13.22 -16.64
CA ALA F 20 8.19 -14.38 -15.86
C ALA F 20 7.79 -15.55 -16.74
N ASP F 21 7.01 -15.28 -17.80
CA ASP F 21 6.52 -16.37 -18.65
C ASP F 21 7.67 -17.05 -19.38
N SER F 22 8.66 -16.27 -19.83
CA SER F 22 9.83 -16.86 -20.50
C SER F 22 10.67 -17.69 -19.54
N MET F 23 10.87 -17.19 -18.32
CA MET F 23 11.66 -17.93 -17.33
C MET F 23 11.02 -19.26 -17.00
N VAL F 24 9.69 -19.31 -16.95
CA VAL F 24 9.00 -20.56 -16.65
C VAL F 24 9.06 -21.51 -17.85
N LYS F 25 9.06 -20.97 -19.07
CA LYS F 25 9.06 -21.81 -20.26
C LYS F 25 10.45 -22.29 -20.66
N ALA F 26 11.51 -21.63 -20.18
CA ALA F 26 12.86 -21.92 -20.65
C ALA F 26 13.58 -22.99 -19.85
N ALA F 27 13.14 -23.29 -18.63
CA ALA F 27 13.79 -24.29 -17.80
C ALA F 27 12.84 -24.68 -16.67
N ARG F 28 13.32 -25.55 -15.78
CA ARG F 28 12.54 -26.03 -14.64
C ARG F 28 12.82 -25.14 -13.45
N VAL F 29 12.03 -24.07 -13.32
CA VAL F 29 12.15 -23.14 -12.21
C VAL F 29 10.76 -22.94 -11.61
N THR F 30 10.73 -22.48 -10.37
CA THR F 30 9.50 -22.18 -9.66
C THR F 30 9.34 -20.66 -9.56
N LEU F 31 8.27 -20.14 -10.15
CA LEU F 31 7.98 -18.71 -10.07
C LEU F 31 7.62 -18.35 -8.63
N VAL F 32 8.45 -17.52 -8.00
CA VAL F 32 8.20 -17.12 -6.61
C VAL F 32 7.19 -15.98 -6.56
N GLY F 33 7.36 -14.97 -7.40
CA GLY F 33 6.41 -13.88 -7.45
C GLY F 33 7.07 -12.61 -7.98
N TYR F 34 6.38 -11.50 -7.75
CA TYR F 34 6.82 -10.20 -8.21
C TYR F 34 6.99 -9.26 -7.03
N GLU F 35 8.04 -8.44 -7.08
CA GLU F 35 8.35 -7.47 -6.04
C GLU F 35 8.31 -6.08 -6.64
N LYS F 36 7.49 -5.20 -6.07
CA LYS F 36 7.39 -3.81 -6.49
C LYS F 36 8.09 -2.94 -5.48
N ILE F 37 8.98 -2.05 -5.95
CA ILE F 37 9.77 -1.21 -5.04
C ILE F 37 9.65 0.26 -5.40
N GLY F 38 8.77 0.59 -6.34
CA GLY F 38 8.52 1.95 -6.73
C GLY F 38 9.28 2.35 -7.98
N SER F 39 8.98 3.56 -8.45
CA SER F 39 9.54 4.10 -9.70
C SER F 39 9.29 3.19 -10.88
N GLY F 40 8.20 2.42 -10.84
CA GLY F 40 7.89 1.50 -11.91
C GLY F 40 8.83 0.31 -12.03
N ARG F 41 9.59 0.02 -10.99
CA ARG F 41 10.54 -1.10 -11.00
C ARG F 41 9.88 -2.33 -10.39
N VAL F 42 9.79 -3.41 -11.18
CA VAL F 42 9.22 -4.67 -10.73
C VAL F 42 10.22 -5.78 -11.01
N THR F 43 10.36 -6.71 -10.06
CA THR F 43 11.30 -7.82 -10.18
C THR F 43 10.54 -9.14 -10.10
N VAL F 44 10.85 -10.04 -11.03
CA VAL F 44 10.33 -11.41 -11.02
C VAL F 44 11.39 -12.31 -10.43
N ILE F 45 10.99 -13.20 -9.53
CA ILE F 45 11.91 -14.04 -8.77
C ILE F 45 11.55 -15.50 -9.00
N VAL F 46 12.56 -16.33 -9.28
CA VAL F 46 12.39 -17.77 -9.44
C VAL F 46 13.47 -18.49 -8.64
N ARG F 47 13.20 -19.77 -8.38
CA ARG F 47 14.13 -20.66 -7.69
C ARG F 47 14.36 -21.90 -8.54
N GLY F 48 15.34 -22.70 -8.15
CA GLY F 48 15.65 -23.95 -8.81
C GLY F 48 17.14 -24.19 -8.84
N ASP F 49 17.54 -25.20 -9.61
CA ASP F 49 18.95 -25.47 -9.82
C ASP F 49 19.63 -24.31 -10.55
N VAL F 50 20.91 -24.08 -10.22
CA VAL F 50 21.61 -22.93 -10.75
C VAL F 50 21.71 -23.01 -12.27
N SER F 51 21.77 -24.22 -12.82
CA SER F 51 21.81 -24.36 -14.28
C SER F 51 20.47 -24.02 -14.91
N GLU F 52 19.38 -24.47 -14.29
CA GLU F 52 18.05 -24.13 -14.81
C GLU F 52 17.75 -22.66 -14.61
N VAL F 53 18.11 -22.11 -13.45
CA VAL F 53 17.88 -20.68 -13.20
C VAL F 53 18.68 -19.83 -14.18
N GLN F 54 19.90 -20.26 -14.51
CA GLN F 54 20.72 -19.52 -15.46
C GLN F 54 20.08 -19.50 -16.85
N ALA F 55 19.48 -20.62 -17.27
CA ALA F 55 18.85 -20.67 -18.58
C ALA F 55 17.61 -19.78 -18.62
N SER F 56 16.78 -19.84 -17.58
CA SER F 56 15.56 -19.04 -17.55
C SER F 56 15.89 -17.55 -17.53
N VAL F 57 16.91 -17.15 -16.77
CA VAL F 57 17.28 -15.74 -16.72
C VAL F 57 17.77 -15.26 -18.08
N THR F 58 18.60 -16.08 -18.75
CA THR F 58 19.09 -15.71 -20.07
C THR F 58 17.96 -15.55 -21.07
N ALA F 59 16.99 -16.48 -21.05
CA ALA F 59 15.85 -16.37 -21.96
C ALA F 59 14.97 -15.18 -21.59
N GLY F 60 14.80 -14.91 -20.29
CA GLY F 60 14.02 -13.76 -19.90
C GLY F 60 14.62 -12.45 -20.39
N ILE F 61 15.93 -12.29 -20.26
CA ILE F 61 16.60 -11.08 -20.72
C ILE F 61 16.43 -10.93 -22.23
N GLU F 62 16.51 -12.04 -22.96
CA GLU F 62 16.41 -11.98 -24.42
C GLU F 62 15.03 -11.53 -24.87
N ASN F 63 13.98 -12.03 -24.23
CA ASN F 63 12.62 -11.76 -24.66
C ASN F 63 12.13 -10.35 -24.27
N ILE F 64 12.80 -9.66 -23.36
CA ILE F 64 12.35 -8.31 -23.00
C ILE F 64 12.59 -7.35 -24.15
N ARG F 65 13.68 -7.55 -24.92
CA ARG F 65 13.92 -6.70 -26.08
C ARG F 65 12.81 -6.82 -27.12
N ARG F 66 12.03 -7.90 -27.07
CA ARG F 66 10.86 -8.07 -27.93
C ARG F 66 9.63 -7.33 -27.42
N VAL F 67 9.73 -6.66 -26.26
CA VAL F 67 8.63 -5.90 -25.70
C VAL F 67 8.80 -4.44 -26.11
N ASN F 68 7.80 -3.90 -26.81
CA ASN F 68 7.80 -2.50 -27.18
C ASN F 68 7.58 -1.64 -25.93
N GLY F 69 8.56 -0.80 -25.61
CA GLY F 69 8.50 0.04 -24.43
C GLY F 69 9.10 -0.55 -23.16
N GLY F 70 9.26 -1.87 -23.11
CA GLY F 70 9.87 -2.50 -21.97
C GLY F 70 11.36 -2.19 -21.87
N GLU F 71 11.94 -2.56 -20.72
CA GLU F 71 13.35 -2.31 -20.47
C GLU F 71 13.86 -3.14 -19.30
N VAL F 72 15.03 -3.76 -19.44
CA VAL F 72 15.65 -4.49 -18.35
C VAL F 72 16.48 -3.51 -17.53
N LEU F 73 16.20 -3.43 -16.23
CA LEU F 73 16.94 -2.53 -15.37
C LEU F 73 18.10 -3.22 -14.68
N SER F 74 17.86 -4.42 -14.14
CA SER F 74 18.92 -5.19 -13.49
C SER F 74 18.51 -6.65 -13.45
N ASN F 75 19.51 -7.51 -13.30
CA ASN F 75 19.31 -8.95 -13.21
C ASN F 75 20.46 -9.54 -12.42
N HIS F 76 20.17 -10.61 -11.67
CA HIS F 76 21.20 -11.21 -10.83
C HIS F 76 20.80 -12.65 -10.51
N ILE F 77 21.82 -13.47 -10.26
CA ILE F 77 21.66 -14.86 -9.87
C ILE F 77 22.56 -15.13 -8.68
N ILE F 78 22.00 -15.76 -7.64
CA ILE F 78 22.75 -16.21 -6.49
C ILE F 78 22.60 -17.72 -6.42
N ALA F 79 23.72 -18.44 -6.59
CA ALA F 79 23.66 -19.89 -6.69
C ALA F 79 23.25 -20.54 -5.37
N ARG F 80 23.86 -20.11 -4.27
CA ARG F 80 23.62 -20.70 -2.95
C ARG F 80 23.33 -19.58 -1.97
N PRO F 81 22.12 -19.03 -2.00
CA PRO F 81 21.80 -17.93 -1.08
C PRO F 81 21.78 -18.40 0.37
N HIS F 82 22.27 -17.55 1.26
CA HIS F 82 22.33 -17.88 2.67
C HIS F 82 20.93 -18.10 3.22
N GLU F 83 20.81 -19.03 4.17
CA GLU F 83 19.51 -19.38 4.74
C GLU F 83 18.84 -18.17 5.38
N ASN F 84 19.63 -17.19 5.87
CA ASN F 84 19.06 -16.02 6.53
C ASN F 84 18.15 -15.25 5.59
N LEU F 85 18.51 -15.17 4.31
CA LEU F 85 17.73 -14.37 3.35
C LEU F 85 16.31 -14.90 3.20
N GLU F 86 16.10 -16.20 3.43
CA GLU F 86 14.78 -16.80 3.21
C GLU F 86 13.71 -16.23 4.13
N TYR F 87 14.10 -15.69 5.28
CA TYR F 87 13.14 -15.22 6.28
C TYR F 87 13.00 -13.70 6.31
N VAL F 88 13.65 -12.98 5.40
CA VAL F 88 13.58 -11.52 5.39
C VAL F 88 13.18 -11.05 4.00
N LEU F 89 13.86 -11.55 2.98
CA LEU F 89 13.57 -11.14 1.61
C LEU F 89 12.51 -12.05 0.99
N PRO F 90 11.65 -11.52 0.12
CA PRO F 90 10.59 -12.35 -0.48
C PRO F 90 11.12 -13.21 -1.63
N ILE F 91 11.98 -14.18 -1.30
CA ILE F 91 12.58 -15.05 -2.30
C ILE F 91 12.03 -16.47 -2.25
N ARG F 92 11.20 -16.81 -1.27
CA ARG F 92 10.50 -18.09 -1.23
C ARG F 92 9.03 -17.89 -1.58
N TYR F 93 8.34 -19.01 -1.79
CA TYR F 93 6.93 -18.97 -2.18
C TYR F 93 6.07 -18.24 -1.15
N PRO G 15 -8.03 1.10 35.92
CA PRO G 15 -6.92 1.78 35.27
C PRO G 15 -6.40 2.96 36.08
N TRP G 16 -5.30 2.76 36.81
CA TRP G 16 -4.75 3.82 37.65
C TRP G 16 -4.19 4.95 36.80
N ARG G 17 -3.72 4.66 35.59
CA ARG G 17 -3.26 5.71 34.70
C ARG G 17 -4.39 6.60 34.21
N TYR G 18 -5.64 6.13 34.29
CA TYR G 18 -6.78 6.94 33.91
C TYR G 18 -7.25 7.84 35.05
N ARG G 19 -7.21 7.34 36.29
CA ARG G 19 -7.60 8.15 37.43
C ARG G 19 -6.71 9.38 37.57
N LEU G 20 -5.40 9.20 37.36
CA LEU G 20 -4.47 10.32 37.50
C LEU G 20 -4.73 11.41 36.48
N ASP G 21 -5.20 11.04 35.29
CA ASP G 21 -5.50 12.03 34.26
C ASP G 21 -6.71 12.87 34.63
N GLN G 22 -7.72 12.25 35.26
CA GLN G 22 -8.88 13.03 35.69
C GLN G 22 -8.62 13.70 37.04
N PHE G 23 -7.79 13.09 37.89
CA PHE G 23 -7.33 13.78 39.09
C PHE G 23 -6.57 15.05 38.73
N THR G 24 -5.75 14.98 37.68
CA THR G 24 -5.03 16.16 37.22
C THR G 24 -5.99 17.22 36.66
N LYS G 25 -7.01 16.77 35.92
CA LYS G 25 -7.95 17.71 35.32
C LYS G 25 -8.90 18.29 36.36
N GLU G 26 -9.31 17.49 37.34
CA GLU G 26 -10.26 17.97 38.33
C GLU G 26 -9.58 18.84 39.39
N GLU G 27 -8.49 18.34 39.98
CA GLU G 27 -7.78 19.06 41.03
C GLU G 27 -6.71 20.00 40.49
N GLN G 28 -6.94 20.60 39.32
CA GLN G 28 -5.93 21.46 38.70
C GLN G 28 -5.55 22.64 39.59
N THR G 29 -6.51 23.19 40.32
CA THR G 29 -6.24 24.36 41.16
C THR G 29 -5.48 23.98 42.43
N ALA G 30 -5.91 22.91 43.10
CA ALA G 30 -5.24 22.50 44.33
C ALA G 30 -3.84 21.97 44.06
N LEU G 31 -3.66 21.24 42.96
CA LEU G 31 -2.33 20.76 42.60
C LEU G 31 -1.39 21.91 42.30
N GLY G 32 -1.88 22.92 41.57
CA GLY G 32 -1.10 24.13 41.39
C GLY G 32 -0.85 24.86 42.70
N ALA G 33 -1.78 24.74 43.66
CA ALA G 33 -1.58 25.34 44.96
C ALA G 33 -0.61 24.52 45.82
N LEU G 34 -0.43 23.24 45.53
CA LEU G 34 0.60 22.50 46.23
C LEU G 34 1.96 22.70 45.59
N ALA G 35 2.01 22.84 44.27
CA ALA G 35 3.29 22.90 43.55
C ALA G 35 4.05 24.17 43.90
N TRP G 36 3.39 25.32 43.82
CA TRP G 36 4.06 26.59 44.08
C TRP G 36 4.53 26.67 45.54
N ALA G 37 3.71 26.19 46.48
CA ALA G 37 4.11 26.17 47.88
C ALA G 37 5.31 25.28 48.09
N PHE G 38 5.33 24.10 47.45
CA PHE G 38 6.53 23.28 47.48
C PHE G 38 7.70 24.00 46.82
N TYR G 39 7.44 24.67 45.70
CA TYR G 39 8.47 25.46 45.05
C TYR G 39 8.96 26.59 45.95
N GLN G 40 8.08 27.15 46.79
CA GLN G 40 8.51 28.16 47.75
C GLN G 40 9.51 27.58 48.76
N GLN G 41 9.37 26.31 49.11
CA GLN G 41 10.33 25.68 50.00
C GLN G 41 11.67 25.45 49.31
N TRP G 42 11.66 25.11 48.02
CA TRP G 42 12.87 24.82 47.25
C TRP G 42 12.90 25.68 46.00
N PRO G 43 13.13 26.99 46.15
CA PRO G 43 12.95 27.91 45.01
C PRO G 43 14.01 27.79 43.93
N ALA G 44 15.05 26.99 44.13
CA ALA G 44 16.07 26.79 43.11
C ALA G 44 16.01 25.38 42.51
N LYS G 45 14.83 24.74 42.57
CA LYS G 45 14.65 23.38 42.10
C LYS G 45 15.62 22.42 42.80
N GLU G 46 15.85 22.64 44.09
CA GLU G 46 16.64 21.68 44.86
C GLU G 46 15.92 20.35 45.00
N GLN G 47 14.59 20.35 44.90
CA GLN G 47 13.79 19.14 45.04
C GLN G 47 12.68 19.15 44.00
N TYR G 48 12.48 18.00 43.37
CA TYR G 48 11.33 17.80 42.50
C TYR G 48 10.17 17.24 43.30
N LEU G 49 8.96 17.67 42.96
CA LEU G 49 7.76 17.17 43.61
C LEU G 49 7.30 15.91 42.90
N GLY G 50 6.87 14.91 43.68
CA GLY G 50 6.51 13.63 43.12
C GLY G 50 5.45 12.92 43.92
N LEU G 51 4.97 11.82 43.35
CA LEU G 51 3.98 10.96 43.97
C LEU G 51 4.48 9.52 43.98
N ASP G 52 4.20 8.81 45.07
CA ASP G 52 4.46 7.37 45.16
C ASP G 52 3.11 6.70 45.44
N LEU G 53 2.65 5.89 44.48
CA LEU G 53 1.35 5.25 44.59
C LEU G 53 1.33 4.08 45.56
N HIS G 54 2.50 3.58 45.95
CA HIS G 54 2.52 2.43 46.86
C HIS G 54 3.22 2.80 48.16
N PRO G 55 2.66 2.37 49.30
CA PRO G 55 1.48 1.50 49.44
C PRO G 55 0.19 2.26 49.10
N GLN G 56 0.08 3.53 49.47
CA GLN G 56 -1.00 4.36 48.96
C GLN G 56 -0.40 5.64 48.39
N ALA G 57 -1.21 6.40 47.63
CA ALA G 57 -0.74 7.66 47.06
C ALA G 57 -0.32 8.62 48.16
N HIS G 58 0.94 9.02 48.15
CA HIS G 58 1.46 10.04 49.05
C HIS G 58 2.56 10.80 48.34
N PHE G 59 2.67 12.10 48.63
CA PHE G 59 3.63 12.94 47.94
C PHE G 59 5.04 12.71 48.47
N ILE G 60 6.01 12.77 47.56
CA ILE G 60 7.41 12.55 47.86
C ILE G 60 8.22 13.61 47.14
N SER G 61 9.54 13.61 47.36
CA SER G 61 10.43 14.52 46.68
C SER G 61 11.79 13.85 46.50
N CYS G 62 12.58 14.40 45.57
CA CYS G 62 13.92 13.90 45.35
C CYS G 62 14.75 15.02 44.75
N ALA G 63 16.06 14.93 44.96
CA ALA G 63 16.97 15.86 44.30
C ALA G 63 17.04 15.54 42.81
N PRO G 64 17.26 16.55 41.97
CA PRO G 64 17.39 16.30 40.53
C PRO G 64 18.47 15.29 40.18
N GLN G 65 19.55 15.23 40.97
CA GLN G 65 20.62 14.27 40.69
C GLN G 65 20.14 12.83 40.84
N ALA G 66 19.21 12.58 41.77
CA ALA G 66 18.72 11.23 41.99
C ALA G 66 17.94 10.72 40.78
N ILE G 67 17.06 11.55 40.22
CA ILE G 67 16.27 11.12 39.07
C ILE G 67 17.14 11.01 37.83
N ALA G 68 18.25 11.76 37.77
CA ALA G 68 19.16 11.65 36.65
C ALA G 68 19.96 10.35 36.70
N GLN G 69 20.31 9.90 37.91
CA GLN G 69 21.06 8.65 38.03
C GLN G 69 20.18 7.44 37.74
N LEU G 70 18.93 7.47 38.20
CA LEU G 70 18.00 6.41 37.84
C LEU G 70 17.87 6.30 36.32
N ASN G 71 17.89 7.45 35.63
CA ASN G 71 17.88 7.43 34.17
C ASN G 71 19.07 6.66 33.62
N ASP G 72 20.25 6.84 34.22
CA ASP G 72 21.43 6.13 33.76
C ASP G 72 21.28 4.62 33.98
N GLN G 73 20.73 4.23 35.13
CA GLN G 73 20.53 2.80 35.38
C GLN G 73 19.57 2.17 34.38
N VAL G 74 18.54 2.92 33.97
CA VAL G 74 17.54 2.38 33.05
C VAL G 74 17.90 2.73 31.61
N ASN G 75 19.17 3.09 31.39
CA ASN G 75 19.70 3.33 30.05
C ASN G 75 18.90 4.39 29.29
N GLY G 76 18.54 5.46 30.00
CA GLY G 76 17.87 6.58 29.35
C GLY G 76 16.44 6.34 28.96
N ARG G 77 15.74 5.43 29.63
CA ARG G 77 14.35 5.17 29.32
C ARG G 77 13.39 6.18 29.94
N ILE G 78 13.86 7.00 30.88
CA ILE G 78 13.06 8.10 31.41
C ILE G 78 13.76 9.40 31.03
N GLN G 79 14.46 9.37 29.90
CA GLN G 79 15.21 10.51 29.40
C GLN G 79 14.36 11.78 29.31
N GLU G 80 13.19 11.67 28.68
CA GLU G 80 12.37 12.85 28.43
C GLU G 80 11.85 13.46 29.73
N MET G 81 11.50 12.62 30.70
CA MET G 81 11.00 13.13 31.98
C MET G 81 12.07 13.94 32.70
N VAL G 82 13.32 13.49 32.65
CA VAL G 82 14.42 14.25 33.26
C VAL G 82 14.56 15.61 32.58
N GLY G 83 14.36 15.66 31.26
CA GLY G 83 14.45 16.92 30.56
C GLY G 83 13.31 17.86 30.88
N ILE G 84 12.08 17.32 30.96
CA ILE G 84 10.94 18.14 31.34
C ILE G 84 11.09 18.65 32.77
N LEU G 85 11.51 17.78 33.68
CA LEU G 85 11.73 18.20 35.05
C LEU G 85 12.80 19.27 35.15
N TYR G 86 13.76 19.28 34.23
CA TYR G 86 14.82 20.27 34.25
C TYR G 86 14.36 21.60 33.66
N GLY G 87 13.39 21.58 32.75
CA GLY G 87 13.07 22.78 31.99
C GLY G 87 11.82 23.52 32.38
N TYR G 88 10.92 22.89 33.13
CA TYR G 88 9.62 23.50 33.41
C TYR G 88 9.78 24.73 34.29
N ASP G 89 8.94 25.74 34.04
CA ASP G 89 8.95 26.96 34.84
C ASP G 89 7.99 26.79 35.99
N PRO G 90 8.45 26.76 37.25
CA PRO G 90 7.53 26.57 38.37
C PRO G 90 6.53 27.71 38.54
N ARG G 91 6.82 28.89 37.99
CA ARG G 91 5.87 30.00 38.10
C ARG G 91 4.69 29.84 37.16
N THR G 92 4.79 28.99 36.14
CA THR G 92 3.70 28.77 35.20
C THR G 92 3.33 27.30 35.01
N GLU G 93 4.17 26.35 35.40
CA GLU G 93 3.94 24.95 35.10
C GLU G 93 4.00 24.10 36.37
N VAL G 94 3.26 23.01 36.36
CA VAL G 94 3.31 21.98 37.39
C VAL G 94 3.89 20.73 36.74
N ALA G 95 4.91 20.15 37.39
CA ALA G 95 5.58 18.95 36.87
C ALA G 95 5.81 18.01 38.06
N ILE G 96 4.91 17.05 38.22
CA ILE G 96 4.97 16.09 39.32
C ILE G 96 5.17 14.71 38.71
N PHE G 97 6.23 14.02 39.15
CA PHE G 97 6.51 12.68 38.66
C PHE G 97 5.85 11.65 39.56
N VAL G 98 5.28 10.61 38.94
CA VAL G 98 4.62 9.53 39.67
C VAL G 98 5.43 8.26 39.49
N ILE G 99 5.56 7.49 40.57
CA ILE G 99 6.26 6.21 40.56
C ILE G 99 5.20 5.12 40.59
N GLY G 100 5.09 4.39 39.48
CA GLY G 100 4.21 3.24 39.42
C GLY G 100 4.93 1.98 39.87
N PRO G 101 4.38 0.81 39.52
CA PRO G 101 5.04 -0.44 39.88
C PRO G 101 6.43 -0.55 39.27
N THR G 102 6.52 -0.46 37.95
CA THR G 102 7.80 -0.38 37.24
C THR G 102 7.65 0.57 36.06
N GLN G 103 7.06 1.73 36.33
CA GLN G 103 6.80 2.72 35.29
C GLN G 103 6.62 4.08 35.95
N PHE G 104 6.69 5.12 35.13
CA PHE G 104 6.60 6.50 35.59
C PHE G 104 5.53 7.25 34.81
N LYS G 105 4.80 8.11 35.50
CA LYS G 105 3.84 9.00 34.89
C LYS G 105 4.10 10.41 35.38
N LEU G 106 4.07 11.37 34.45
CA LEU G 106 4.45 12.75 34.74
C LEU G 106 3.20 13.61 34.70
N LEU G 107 2.73 14.05 35.87
CA LEU G 107 1.62 15.00 35.94
C LEU G 107 2.14 16.36 35.50
N PHE G 108 1.80 16.75 34.26
CA PHE G 108 2.43 17.89 33.60
C PHE G 108 1.33 18.75 32.97
N PHE G 109 1.17 19.97 33.46
CA PHE G 109 0.14 20.87 32.94
C PHE G 109 0.48 22.31 33.28
N GLN G 110 -0.23 23.22 32.62
CA GLN G 110 -0.08 24.66 32.82
C GLN G 110 -1.40 25.21 33.34
N PRO G 111 -1.52 25.46 34.64
CA PRO G 111 -2.84 25.76 35.22
C PRO G 111 -3.32 27.15 34.87
N ILE G 112 -4.64 27.30 34.91
CA ILE G 112 -5.26 28.62 34.89
C ILE G 112 -6.00 28.77 36.22
N PRO G 113 -5.59 29.70 37.11
CA PRO G 113 -4.49 30.65 36.97
C PRO G 113 -3.12 30.06 37.29
N ASP G 114 -2.08 30.89 37.32
CA ASP G 114 -0.73 30.43 37.61
C ASP G 114 -0.66 29.80 39.00
N PRO G 115 0.36 28.98 39.26
CA PRO G 115 0.44 28.30 40.57
C PRO G 115 0.45 29.25 41.76
N ALA G 116 1.15 30.38 41.69
CA ALA G 116 1.11 31.34 42.79
C ALA G 116 -0.30 31.86 43.01
N SER G 117 -1.01 32.20 41.94
CA SER G 117 -2.39 32.66 42.07
C SER G 117 -3.30 31.55 42.60
N CYS G 118 -3.03 30.30 42.22
CA CYS G 118 -3.79 29.18 42.79
C CYS G 118 -3.62 29.11 44.29
N PHE G 119 -2.40 29.35 44.78
CA PHE G 119 -2.12 29.24 46.21
C PHE G 119 -2.79 30.37 46.98
N ALA G 120 -2.79 31.59 46.42
CA ALA G 120 -3.46 32.71 47.07
C ALA G 120 -4.97 32.54 47.06
N ALA G 121 -5.52 31.95 45.99
CA ALA G 121 -6.97 31.85 45.87
C ALA G 121 -7.55 30.86 46.87
N LEU G 122 -6.90 29.71 47.07
CA LEU G 122 -7.44 28.71 47.98
C LEU G 122 -7.20 29.05 49.44
N GLY G 123 -6.15 29.81 49.75
CA GLY G 123 -5.87 30.20 51.12
C GLY G 123 -5.48 29.07 52.05
N LEU G 124 -5.19 27.88 51.52
CA LEU G 124 -4.79 26.76 52.36
C LEU G 124 -3.26 26.75 52.55
N THR G 125 -2.83 26.11 53.63
CA THR G 125 -1.41 25.90 53.86
C THR G 125 -0.95 24.61 53.17
N ILE G 126 0.36 24.38 53.19
CA ILE G 126 0.90 23.21 52.52
C ILE G 126 0.50 21.91 53.21
N GLU G 127 0.21 21.94 54.52
CA GLU G 127 -0.31 20.74 55.17
C GLU G 127 -1.71 20.41 54.67
N GLU G 128 -2.58 21.42 54.59
CA GLU G 128 -3.95 21.18 54.16
C GLU G 128 -4.00 20.71 52.71
N LEU G 129 -3.23 21.37 51.84
CA LEU G 129 -3.18 20.95 50.43
C LEU G 129 -2.64 19.52 50.30
N LYS G 130 -1.62 19.19 51.10
CA LYS G 130 -1.06 17.84 51.04
C LYS G 130 -2.05 16.80 51.56
N HIS G 131 -2.71 17.09 52.68
CA HIS G 131 -3.68 16.13 53.23
C HIS G 131 -4.91 16.02 52.35
N ARG G 132 -5.41 17.15 51.83
CA ARG G 132 -6.62 17.11 51.01
C ARG G 132 -6.38 16.36 49.71
N LEU G 133 -5.30 16.68 49.01
CA LEU G 133 -5.05 16.05 47.71
C LEU G 133 -4.81 14.56 47.86
N GLU G 134 -4.10 14.14 48.91
CA GLU G 134 -3.84 12.72 49.08
C GLU G 134 -5.10 11.98 49.46
N LYS G 135 -5.92 12.55 50.35
CA LYS G 135 -7.21 11.96 50.66
C LYS G 135 -8.04 11.78 49.39
N THR G 136 -8.10 12.82 48.55
CA THR G 136 -8.85 12.75 47.31
C THR G 136 -8.23 11.74 46.34
N LEU G 137 -6.91 11.78 46.18
CA LEU G 137 -6.27 10.89 45.22
C LEU G 137 -6.40 9.43 45.63
N GLN G 138 -6.36 9.14 46.93
CA GLN G 138 -6.58 7.78 47.40
C GLN G 138 -7.99 7.31 47.10
N GLU G 139 -8.98 8.22 47.10
CA GLU G 139 -10.34 7.82 46.77
C GLU G 139 -10.48 7.50 45.29
N LYS G 140 -9.77 8.22 44.41
CA LYS G 140 -9.78 7.87 42.99
C LYS G 140 -9.21 6.48 42.77
N LEU G 141 -8.22 6.09 43.57
CA LEU G 141 -7.57 4.78 43.44
C LEU G 141 -8.29 3.71 44.24
N ALA G 142 -8.75 4.02 45.44
CA ALA G 142 -9.51 3.06 46.25
C ALA G 142 -10.99 3.12 45.89
N SER H 2 -24.03 23.25 3.98
CA SER H 2 -23.83 22.25 5.03
C SER H 2 -22.52 22.48 5.77
N ILE H 3 -21.67 21.45 5.78
CA ILE H 3 -20.39 21.49 6.48
C ILE H 3 -19.29 21.66 5.45
N ALA H 4 -18.54 22.75 5.55
CA ALA H 4 -17.50 23.05 4.57
C ALA H 4 -16.33 22.08 4.72
N VAL H 5 -15.48 22.04 3.68
CA VAL H 5 -14.29 21.21 3.66
C VAL H 5 -13.11 22.06 3.25
N GLY H 6 -12.02 21.98 3.99
CA GLY H 6 -10.79 22.69 3.67
C GLY H 6 -9.65 21.71 3.46
N MET H 7 -8.82 21.98 2.46
CA MET H 7 -7.75 21.07 2.09
C MET H 7 -6.47 21.87 1.84
N ILE H 8 -5.38 21.43 2.47
CA ILE H 8 -4.05 21.96 2.20
C ILE H 8 -3.17 20.81 1.76
N GLU H 9 -2.54 20.95 0.60
CA GLU H 9 -1.67 19.92 0.03
C GLU H 9 -0.24 20.41 0.07
N THR H 10 0.64 19.64 0.69
CA THR H 10 2.03 20.02 0.85
C THR H 10 2.94 18.98 0.20
N LEU H 11 4.19 19.37 0.05
CA LEU H 11 5.26 18.47 -0.40
C LEU H 11 6.11 18.14 0.82
N GLY H 12 5.97 16.94 1.33
CA GLY H 12 6.75 16.54 2.48
C GLY H 12 5.88 16.35 3.72
N PHE H 13 6.29 15.40 4.56
CA PHE H 13 5.50 15.08 5.76
C PHE H 13 5.54 16.19 6.81
N PRO H 14 6.69 16.77 7.16
CA PRO H 14 6.67 17.82 8.20
C PRO H 14 5.78 19.00 7.87
N ALA H 15 5.72 19.41 6.60
CA ALA H 15 4.91 20.57 6.25
C ALA H 15 3.42 20.27 6.41
N VAL H 16 3.00 19.04 6.12
CA VAL H 16 1.59 18.69 6.29
C VAL H 16 1.23 18.54 7.76
N VAL H 17 2.21 18.27 8.61
CA VAL H 17 1.96 18.26 10.05
C VAL H 17 1.86 19.68 10.58
N GLU H 18 2.69 20.60 10.06
CA GLU H 18 2.56 22.00 10.45
C GLU H 18 1.26 22.59 9.94
N ALA H 19 0.77 22.12 8.80
CA ALA H 19 -0.53 22.57 8.29
C ALA H 19 -1.65 22.13 9.20
N ALA H 20 -1.68 20.84 9.56
CA ALA H 20 -2.76 20.32 10.38
C ALA H 20 -2.79 20.97 11.76
N ASP H 21 -1.62 21.15 12.36
CA ASP H 21 -1.56 21.75 13.69
C ASP H 21 -2.05 23.19 13.67
N SER H 22 -1.69 23.95 12.64
CA SER H 22 -2.15 25.34 12.56
C SER H 22 -3.64 25.42 12.28
N MET H 23 -4.18 24.48 11.48
CA MET H 23 -5.60 24.53 11.15
C MET H 23 -6.47 24.24 12.38
N VAL H 24 -6.07 23.26 13.19
CA VAL H 24 -6.87 22.91 14.37
C VAL H 24 -6.70 23.96 15.46
N LYS H 25 -5.53 24.58 15.56
CA LYS H 25 -5.27 25.58 16.60
C LYS H 25 -5.92 26.93 16.29
N ALA H 26 -6.39 27.15 15.08
CA ALA H 26 -6.88 28.46 14.68
C ALA H 26 -8.40 28.56 14.62
N ALA H 27 -9.11 27.45 14.63
CA ALA H 27 -10.57 27.47 14.54
C ALA H 27 -11.12 26.15 15.03
N ARG H 28 -12.43 26.12 15.25
CA ARG H 28 -13.13 24.91 15.65
C ARG H 28 -13.47 24.11 14.39
N VAL H 29 -12.47 23.39 13.89
CA VAL H 29 -12.62 22.52 12.74
C VAL H 29 -12.25 21.11 13.15
N THR H 30 -12.87 20.13 12.50
CA THR H 30 -12.62 18.72 12.77
C THR H 30 -11.59 18.21 11.77
N LEU H 31 -10.42 17.81 12.26
CA LEU H 31 -9.41 17.20 11.40
C LEU H 31 -9.85 15.80 11.02
N VAL H 32 -10.02 15.55 9.71
CA VAL H 32 -10.57 14.27 9.26
C VAL H 32 -9.50 13.32 8.72
N GLY H 33 -8.25 13.76 8.61
CA GLY H 33 -7.16 12.87 8.27
C GLY H 33 -6.30 13.43 7.17
N TYR H 34 -5.33 12.61 6.73
CA TYR H 34 -4.40 12.94 5.67
C TYR H 34 -4.62 12.01 4.47
N GLU H 35 -4.21 12.48 3.31
CA GLU H 35 -4.36 11.73 2.07
C GLU H 35 -3.07 11.81 1.27
N LYS H 36 -2.49 10.67 0.96
CA LYS H 36 -1.24 10.58 0.21
C LYS H 36 -1.54 10.05 -1.19
N ILE H 37 -0.99 10.72 -2.21
CA ILE H 37 -1.31 10.36 -3.59
C ILE H 37 -0.03 10.12 -4.39
N GLY H 38 1.12 10.12 -3.72
CA GLY H 38 2.38 9.90 -4.39
C GLY H 38 3.09 11.20 -4.71
N SER H 39 4.35 11.03 -5.16
CA SER H 39 5.25 12.16 -5.42
C SER H 39 5.43 13.04 -4.19
N GLY H 40 5.33 12.43 -3.01
CA GLY H 40 5.47 13.17 -1.76
C GLY H 40 4.37 14.17 -1.47
N ARG H 41 3.27 14.13 -2.22
CA ARG H 41 2.16 15.06 -2.04
C ARG H 41 1.20 14.50 -1.00
N VAL H 42 1.00 15.24 0.09
CA VAL H 42 0.08 14.85 1.15
C VAL H 42 -0.88 16.00 1.39
N THR H 43 -2.16 15.68 1.57
CA THR H 43 -3.20 16.66 1.79
C THR H 43 -3.84 16.45 3.16
N VAL H 44 -3.98 17.54 3.92
CA VAL H 44 -4.70 17.52 5.20
C VAL H 44 -6.08 18.10 4.97
N ILE H 45 -7.09 17.44 5.53
CA ILE H 45 -8.49 17.76 5.27
C ILE H 45 -9.20 18.03 6.59
N VAL H 46 -10.00 19.10 6.63
CA VAL H 46 -10.79 19.46 7.80
C VAL H 46 -12.22 19.77 7.37
N ARG H 47 -13.13 19.68 8.34
CA ARG H 47 -14.54 20.01 8.14
C ARG H 47 -14.98 20.96 9.23
N GLY H 48 -15.91 21.84 8.88
CA GLY H 48 -16.46 22.79 9.85
C GLY H 48 -17.26 23.86 9.14
N ASP H 49 -17.59 24.90 9.91
CA ASP H 49 -18.24 26.06 9.33
C ASP H 49 -17.32 26.73 8.32
N VAL H 50 -17.89 27.27 7.25
CA VAL H 50 -17.09 27.86 6.19
C VAL H 50 -16.25 29.02 6.72
N SER H 51 -16.76 29.75 7.72
CA SER H 51 -15.96 30.81 8.33
C SER H 51 -14.77 30.24 9.08
N GLU H 52 -14.99 29.16 9.84
CA GLU H 52 -13.90 28.56 10.62
C GLU H 52 -12.94 27.78 9.72
N VAL H 53 -13.47 27.06 8.73
CA VAL H 53 -12.61 26.38 7.77
C VAL H 53 -11.73 27.38 7.03
N GLN H 54 -12.31 28.53 6.68
CA GLN H 54 -11.52 29.57 6.01
C GLN H 54 -10.41 30.09 6.92
N ALA H 55 -10.68 30.19 8.22
CA ALA H 55 -9.65 30.65 9.15
C ALA H 55 -8.57 29.58 9.35
N SER H 56 -8.94 28.30 9.23
CA SER H 56 -7.96 27.24 9.35
C SER H 56 -7.01 27.21 8.15
N VAL H 57 -7.58 27.27 6.95
CA VAL H 57 -6.75 27.20 5.74
C VAL H 57 -5.78 28.37 5.69
N THR H 58 -6.27 29.59 5.98
CA THR H 58 -5.40 30.76 5.97
C THR H 58 -4.29 30.63 7.00
N ALA H 59 -4.61 30.15 8.21
CA ALA H 59 -3.59 29.92 9.22
C ALA H 59 -2.68 28.76 8.89
N GLY H 60 -3.08 27.89 7.96
CA GLY H 60 -2.23 26.80 7.54
C GLY H 60 -1.22 27.22 6.50
N ILE H 61 -1.65 28.08 5.57
CA ILE H 61 -0.78 28.47 4.46
C ILE H 61 0.39 29.31 4.95
N GLU H 62 0.10 30.40 5.66
CA GLU H 62 1.18 31.28 6.11
C GLU H 62 2.11 30.58 7.09
N ASN H 63 1.59 29.62 7.85
CA ASN H 63 2.40 28.92 8.86
C ASN H 63 3.28 27.82 8.27
N ILE H 64 3.17 27.55 6.97
CA ILE H 64 4.04 26.56 6.35
C ILE H 64 5.32 27.19 5.80
N ARG H 65 5.28 28.47 5.42
CA ARG H 65 6.47 29.13 4.89
C ARG H 65 7.56 29.26 5.93
N ARG H 66 7.30 28.94 7.20
CA ARG H 66 8.34 28.84 8.20
C ARG H 66 9.00 27.47 8.24
N VAL H 67 8.37 26.46 7.65
CA VAL H 67 8.94 25.10 7.65
C VAL H 67 10.17 25.08 6.75
N ASN H 68 11.32 24.75 7.34
CA ASN H 68 12.56 24.64 6.60
C ASN H 68 12.46 23.43 5.67
N GLY H 69 12.17 23.68 4.39
CA GLY H 69 12.02 22.62 3.42
C GLY H 69 10.59 22.31 3.04
N GLY H 70 9.61 22.92 3.71
CA GLY H 70 8.23 22.65 3.37
C GLY H 70 7.73 23.52 2.23
N GLU H 71 6.76 22.99 1.49
CA GLU H 71 6.20 23.70 0.35
C GLU H 71 4.72 23.41 0.25
N VAL H 72 3.94 24.45 -0.04
CA VAL H 72 2.51 24.29 -0.31
C VAL H 72 2.32 24.10 -1.81
N LEU H 73 1.61 23.03 -2.18
CA LEU H 73 1.36 22.74 -3.58
C LEU H 73 0.00 23.23 -4.04
N SER H 74 -1.04 23.04 -3.23
CA SER H 74 -2.38 23.49 -3.59
C SER H 74 -3.21 23.61 -2.33
N ASN H 75 -4.34 24.29 -2.45
CA ASN H 75 -5.26 24.49 -1.34
C ASN H 75 -6.62 24.87 -1.91
N HIS H 76 -7.68 24.42 -1.24
CA HIS H 76 -9.01 24.67 -1.75
C HIS H 76 -10.03 24.53 -0.62
N ILE H 77 -11.11 25.29 -0.76
CA ILE H 77 -12.24 25.25 0.18
C ILE H 77 -13.52 25.07 -0.63
N ILE H 78 -14.39 24.19 -0.15
CA ILE H 78 -15.72 24.00 -0.73
C ILE H 78 -16.74 24.28 0.37
N ALA H 79 -17.57 25.30 0.16
CA ALA H 79 -18.49 25.73 1.20
C ALA H 79 -19.57 24.68 1.46
N ARG H 80 -20.22 24.18 0.40
CA ARG H 80 -21.32 23.23 0.52
C ARG H 80 -21.04 22.03 -0.39
N PRO H 81 -20.20 21.09 0.06
CA PRO H 81 -19.89 19.93 -0.78
C PRO H 81 -21.12 19.04 -0.97
N HIS H 82 -21.37 18.66 -2.22
CA HIS H 82 -22.46 17.77 -2.56
C HIS H 82 -22.35 16.47 -1.77
N GLU H 83 -23.52 15.92 -1.40
CA GLU H 83 -23.55 14.73 -0.55
C GLU H 83 -22.92 13.52 -1.23
N ASN H 84 -22.96 13.47 -2.57
CA ASN H 84 -22.36 12.36 -3.31
C ASN H 84 -20.87 12.21 -2.96
N LEU H 85 -20.17 13.33 -2.74
CA LEU H 85 -18.74 13.27 -2.47
C LEU H 85 -18.44 12.56 -1.16
N GLU H 86 -19.35 12.63 -0.19
CA GLU H 86 -19.11 12.02 1.11
C GLU H 86 -18.93 10.50 1.03
N TYR H 87 -19.45 9.87 -0.02
CA TYR H 87 -19.43 8.41 -0.13
C TYR H 87 -18.36 7.89 -1.09
N VAL H 88 -17.56 8.78 -1.68
CA VAL H 88 -16.51 8.39 -2.63
C VAL H 88 -15.15 8.91 -2.19
N LEU H 89 -15.07 10.20 -1.82
CA LEU H 89 -13.82 10.82 -1.42
C LEU H 89 -13.63 10.73 0.09
N PRO H 90 -12.37 10.62 0.55
CA PRO H 90 -12.08 10.52 2.00
C PRO H 90 -12.09 11.87 2.71
N ILE H 91 -13.29 12.40 2.96
CA ILE H 91 -13.41 13.74 3.53
C ILE H 91 -14.32 13.76 4.74
N ARG H 92 -14.51 12.62 5.40
CA ARG H 92 -15.32 12.61 6.62
C ARG H 92 -14.63 11.90 7.77
N TYR H 93 -14.59 10.56 7.72
CA TYR H 93 -14.09 9.69 8.80
C TYR H 93 -14.18 10.29 10.21
O1 TAR I . 3.72 7.33 -7.09
O11 TAR I . 5.31 8.34 -5.90
C1 TAR I . 4.76 7.34 -6.31
C2 TAR I . 5.21 5.94 -5.95
O2 TAR I . 5.24 5.11 -7.09
C3 TAR I . 6.61 5.99 -5.32
O3 TAR I . 7.57 5.53 -6.25
C4 TAR I . 6.63 5.14 -4.06
O4 TAR I . 6.45 5.62 -2.96
O41 TAR I . 6.84 3.87 -4.29
#